data_2XD1
#
_entry.id   2XD1
#
_cell.length_a   96.600
_cell.length_b   102.300
_cell.length_c   146.500
_cell.angle_alpha   90.00
_cell.angle_beta   90.00
_cell.angle_gamma   90.00
#
_symmetry.space_group_name_H-M   'P 21 21 21'
#
loop_
_entity.id
_entity.type
_entity.pdbx_description
1 polymer 'PENICILLIN-BINDING PROTEIN 1B'
2 non-polymer "CEFOTAXIME, C3' cleaved, open, bound form"
3 non-polymer 'SULFATE ION'
4 water water
#
_entity_poly.entity_id   1
_entity_poly.type   'polypeptide(L)'
_entity_poly.pdbx_seq_one_letter_code
;DISSISEITYSDGTVIASIESDLLRQDFLPSGTVTGISQDYLYFTTLAEAQERMYDYLAQRDNVSAKELKNEATQKFYRD
LAAKEIENGGYKITTTIDQKIHSAMQSAVADYGYLLDDGTGRVEVGNVLMDNQTGAILGFVGGRNYQENQNNHAFDTKRS
PASTTKPLLAYGIAIDQGLMGSETILSNYPTNFANGNPIMYANSKGTGMMTLGEALNYSWNIPAYWTYRMLRENGVDVKG
YMEKMGYEIPEYGIESLPMGGGIEVTVAQHTNGYQTLANNGVYHQKHVISKIEAADGRVVYEYQDKPVQVYSKATATIMQ
GLLREVLSSRVTTTFKSNLTSLNPTLANADWIGKTGTTNQDENMWLMLSTPRLTLGGWIGHDDNHSLSQQAGYSNNSNYM
AHLVNAIQQASPSIWGNERFALDPSVVKSEVLKSTGQKPGKVSVEGKEVEVTGSTVTSYWANKSGAPATSYRFAIGGSDA
DYQNAWSSIVGSLP
;
_entity_poly.pdbx_strand_id   A,B
#
# COMPACT_ATOMS: atom_id res chain seq x y z
N SER A 4 -9.49 -42.68 -37.72
CA SER A 4 -9.13 -41.96 -36.49
C SER A 4 -8.93 -40.41 -36.71
N ILE A 5 -9.28 -39.61 -35.68
CA ILE A 5 -9.17 -38.14 -35.77
C ILE A 5 -8.03 -37.56 -34.84
N SER A 6 -7.38 -36.46 -35.30
CA SER A 6 -6.42 -35.58 -34.48
C SER A 6 -6.82 -35.05 -33.04
N GLU A 7 -5.86 -34.99 -32.13
CA GLU A 7 -6.20 -34.40 -30.81
C GLU A 7 -5.13 -33.64 -30.01
N ILE A 8 -5.62 -32.74 -29.11
CA ILE A 8 -4.81 -31.87 -28.18
C ILE A 8 -4.93 -32.32 -26.71
N THR A 9 -3.79 -32.46 -26.05
CA THR A 9 -3.87 -32.94 -24.67
C THR A 9 -3.13 -32.00 -23.69
N TYR A 10 -3.74 -31.81 -22.50
CA TYR A 10 -3.10 -31.34 -21.26
C TYR A 10 -1.77 -32.05 -21.03
N SER A 11 -0.86 -31.49 -20.28
CA SER A 11 0.44 -32.17 -20.10
C SER A 11 0.38 -33.54 -19.42
N ASP A 12 -0.61 -33.77 -18.49
CA ASP A 12 -0.87 -35.12 -17.82
C ASP A 12 -1.21 -36.16 -18.93
N GLY A 13 -2.19 -35.86 -19.77
CA GLY A 13 -2.43 -36.64 -21.01
C GLY A 13 -3.84 -36.44 -21.46
N THR A 14 -4.70 -35.85 -20.61
CA THR A 14 -6.16 -35.67 -20.87
C THR A 14 -6.44 -34.82 -22.12
N VAL A 15 -7.42 -35.31 -22.86
CA VAL A 15 -7.66 -34.76 -24.20
C VAL A 15 -8.51 -33.49 -24.04
N ILE A 16 -7.93 -32.37 -24.47
CA ILE A 16 -8.59 -31.09 -24.37
C ILE A 16 -9.78 -31.16 -25.30
N ALA A 17 -9.51 -31.03 -26.59
CA ALA A 17 -10.52 -31.20 -27.62
C ALA A 17 -9.92 -32.20 -28.65
N SER A 18 -10.78 -32.74 -29.54
CA SER A 18 -10.38 -33.36 -30.82
C SER A 18 -10.44 -32.28 -31.92
N ILE A 19 -9.63 -32.44 -32.97
CA ILE A 19 -9.75 -31.65 -34.22
C ILE A 19 -10.26 -32.47 -35.46
N ASP A 40 -12.65 -20.69 -23.15
CA ASP A 40 -12.73 -21.33 -24.48
C ASP A 40 -11.44 -20.99 -25.40
N TYR A 41 -10.74 -19.89 -25.10
CA TYR A 41 -9.38 -19.62 -25.57
C TYR A 41 -8.41 -20.80 -25.51
N LEU A 42 -8.40 -21.51 -24.39
CA LEU A 42 -7.82 -22.86 -24.42
C LEU A 42 -7.77 -23.60 -25.84
N TYR A 43 -8.88 -24.01 -26.45
CA TYR A 43 -8.80 -24.55 -27.82
C TYR A 43 -7.94 -23.77 -28.92
N PHE A 44 -8.40 -22.60 -29.34
CA PHE A 44 -7.62 -21.71 -30.27
C PHE A 44 -6.15 -21.35 -29.93
N THR A 45 -5.75 -21.32 -28.68
CA THR A 45 -4.36 -21.04 -28.49
C THR A 45 -3.56 -22.26 -28.86
N THR A 46 -3.91 -23.40 -28.26
CA THR A 46 -3.07 -24.60 -28.46
C THR A 46 -3.12 -24.99 -30.01
N LEU A 47 -4.33 -24.94 -30.62
CA LEU A 47 -4.42 -25.10 -32.07
C LEU A 47 -3.58 -24.17 -32.89
N ALA A 48 -3.61 -22.85 -32.62
CA ALA A 48 -2.68 -21.90 -33.37
C ALA A 48 -1.22 -22.23 -33.16
N GLU A 49 -0.78 -22.57 -31.93
CA GLU A 49 0.66 -22.76 -31.77
C GLU A 49 0.87 -24.14 -32.47
N ALA A 50 -0.14 -25.01 -32.40
CA ALA A 50 0.05 -26.33 -33.00
C ALA A 50 0.35 -26.09 -34.49
N GLN A 51 -0.56 -25.36 -35.18
CA GLN A 51 -0.39 -25.13 -36.60
C GLN A 51 0.92 -24.48 -36.94
N GLU A 52 1.40 -23.60 -36.08
CA GLU A 52 2.63 -22.93 -36.40
C GLU A 52 3.87 -23.79 -36.39
N ARG A 53 4.03 -24.62 -35.34
CA ARG A 53 5.05 -25.71 -35.36
C ARG A 53 4.83 -26.64 -36.62
N MET A 54 3.55 -26.87 -37.02
CA MET A 54 3.25 -27.70 -38.21
C MET A 54 3.74 -27.07 -39.47
N TYR A 55 3.32 -25.85 -39.72
CA TYR A 55 3.95 -25.07 -40.74
C TYR A 55 5.50 -25.20 -40.72
N ASP A 56 6.17 -25.18 -39.55
CA ASP A 56 7.61 -25.08 -39.56
C ASP A 56 8.16 -26.32 -40.11
N TYR A 57 7.47 -27.39 -39.79
CA TYR A 57 7.91 -28.71 -40.14
C TYR A 57 7.64 -29.05 -41.60
N LEU A 58 6.46 -28.71 -42.10
CA LEU A 58 6.12 -28.77 -43.54
C LEU A 58 7.20 -27.96 -44.36
N ALA A 59 7.36 -26.66 -44.10
CA ALA A 59 8.39 -25.92 -44.79
C ALA A 59 9.72 -26.64 -44.76
N GLN A 60 9.98 -27.48 -43.79
CA GLN A 60 11.30 -28.10 -43.78
C GLN A 60 11.25 -29.42 -44.40
N ARG A 61 10.22 -30.21 -43.97
CA ARG A 61 9.82 -31.52 -44.54
C ARG A 61 10.04 -31.13 -45.92
N ASP A 62 11.16 -31.66 -46.35
CA ASP A 62 11.63 -31.26 -47.66
C ASP A 62 11.41 -29.73 -48.08
N ASN A 63 10.15 -29.48 -48.38
CA ASN A 63 9.94 -28.62 -49.44
C ASN A 63 11.21 -27.56 -49.29
N VAL A 64 12.47 -28.08 -49.33
CA VAL A 64 13.56 -27.30 -48.76
C VAL A 64 13.45 -25.78 -49.14
N SER A 65 12.82 -24.91 -48.31
CA SER A 65 12.47 -23.55 -48.72
C SER A 65 13.43 -22.26 -48.55
N ALA A 66 13.84 -21.93 -47.29
CA ALA A 66 14.38 -20.50 -46.82
C ALA A 66 13.73 -19.35 -47.64
N LYS A 67 13.82 -18.07 -47.24
CA LYS A 67 13.65 -17.03 -48.33
C LYS A 67 12.37 -17.00 -49.35
N GLU A 68 11.85 -18.13 -49.85
CA GLU A 68 10.55 -18.13 -50.54
C GLU A 68 9.51 -18.21 -49.45
N LEU A 69 9.96 -18.76 -48.32
CA LEU A 69 9.35 -18.47 -47.00
C LEU A 69 8.97 -16.99 -46.71
N LYS A 70 9.86 -16.07 -47.09
CA LYS A 70 9.53 -14.63 -47.29
C LYS A 70 8.40 -14.29 -48.34
N ASN A 71 8.38 -14.86 -49.57
CA ASN A 71 7.22 -14.62 -50.50
C ASN A 71 5.88 -14.85 -49.80
N GLU A 72 4.85 -14.15 -50.19
CA GLU A 72 3.69 -14.23 -49.33
C GLU A 72 2.52 -15.13 -49.75
N ALA A 73 2.55 -15.48 -51.04
CA ALA A 73 1.61 -16.41 -51.66
C ALA A 73 1.82 -17.83 -51.03
N THR A 74 3.10 -18.27 -50.98
CA THR A 74 3.55 -19.42 -50.22
C THR A 74 3.01 -19.53 -48.73
N GLN A 75 3.52 -18.62 -47.87
CA GLN A 75 3.00 -18.44 -46.50
C GLN A 75 1.54 -18.98 -46.47
N LYS A 76 0.64 -18.39 -47.26
CA LYS A 76 -0.78 -18.73 -47.27
C LYS A 76 -1.01 -20.21 -47.51
N PHE A 77 -0.39 -20.66 -48.60
CA PHE A 77 -0.48 -22.00 -49.05
C PHE A 77 -0.11 -22.89 -47.89
N TYR A 78 1.02 -22.59 -47.24
CA TYR A 78 1.49 -23.43 -46.14
C TYR A 78 0.65 -23.30 -44.87
N ARG A 79 0.45 -22.09 -44.42
CA ARG A 79 -0.36 -21.92 -43.28
C ARG A 79 -1.57 -22.81 -43.47
N ASP A 80 -2.04 -22.91 -44.71
CA ASP A 80 -3.36 -23.57 -44.97
C ASP A 80 -3.16 -25.07 -44.99
N LEU A 81 -2.09 -25.45 -45.67
CA LEU A 81 -1.69 -26.80 -45.70
C LEU A 81 -1.53 -27.37 -44.26
N ALA A 82 -0.73 -26.69 -43.42
CA ALA A 82 -0.67 -26.83 -41.93
C ALA A 82 -2.00 -27.15 -41.28
N ALA A 83 -2.97 -26.30 -41.50
CA ALA A 83 -4.26 -26.49 -40.83
C ALA A 83 -4.86 -27.85 -41.12
N LYS A 84 -4.84 -28.22 -42.42
CA LYS A 84 -5.43 -29.50 -42.96
C LYS A 84 -4.69 -30.75 -42.42
N GLU A 85 -3.34 -30.73 -42.44
CA GLU A 85 -2.58 -31.74 -41.73
C GLU A 85 -3.06 -32.06 -40.32
N ILE A 86 -3.40 -31.04 -39.55
CA ILE A 86 -4.04 -31.35 -38.33
C ILE A 86 -5.47 -31.89 -38.54
N GLU A 87 -6.34 -31.24 -39.29
CA GLU A 87 -7.70 -31.84 -39.49
C GLU A 87 -7.83 -33.38 -39.91
N ASN A 88 -7.19 -33.78 -41.03
CA ASN A 88 -7.16 -35.20 -41.44
C ASN A 88 -6.05 -35.90 -40.62
N GLY A 89 -4.81 -35.84 -41.15
CA GLY A 89 -3.60 -36.33 -40.55
C GLY A 89 -3.57 -37.10 -39.23
N GLY A 90 -4.48 -36.86 -38.27
CA GLY A 90 -4.56 -37.64 -37.02
C GLY A 90 -3.23 -37.68 -36.25
N TYR A 91 -2.84 -36.61 -35.50
CA TYR A 91 -1.61 -36.55 -34.63
C TYR A 91 -2.01 -36.29 -33.21
N LYS A 92 -1.03 -36.54 -32.32
CA LYS A 92 -1.22 -36.24 -30.92
C LYS A 92 -0.34 -35.02 -30.39
N ILE A 93 -1.07 -33.94 -30.08
CA ILE A 93 -0.45 -32.70 -29.63
C ILE A 93 -0.47 -32.59 -28.10
N THR A 94 0.71 -32.55 -27.57
CA THR A 94 0.90 -32.51 -26.16
C THR A 94 1.22 -31.02 -25.72
N THR A 95 0.30 -30.42 -24.95
CA THR A 95 0.57 -29.06 -24.50
C THR A 95 1.30 -29.02 -23.15
N THR A 96 1.52 -27.80 -22.66
CA THR A 96 2.17 -27.66 -21.34
C THR A 96 1.11 -27.46 -20.26
N ILE A 97 -0.14 -27.47 -20.65
CA ILE A 97 -1.16 -26.94 -19.78
C ILE A 97 -1.49 -27.94 -18.64
N ASP A 98 -1.58 -27.43 -17.40
CA ASP A 98 -1.84 -28.26 -16.27
C ASP A 98 -3.27 -27.97 -16.08
N GLN A 99 -4.09 -28.99 -16.34
CA GLN A 99 -5.52 -28.79 -16.44
C GLN A 99 -6.12 -28.05 -15.26
N LYS A 100 -5.58 -28.32 -14.10
CA LYS A 100 -6.37 -28.11 -12.92
C LYS A 100 -6.18 -26.61 -12.57
N ILE A 101 -4.94 -26.15 -12.89
CA ILE A 101 -4.52 -24.80 -12.68
C ILE A 101 -5.20 -23.98 -13.78
N HIS A 102 -5.13 -24.48 -15.01
CA HIS A 102 -5.82 -23.72 -16.04
C HIS A 102 -7.28 -23.52 -15.69
N SER A 103 -7.91 -24.52 -15.06
CA SER A 103 -9.33 -24.38 -14.85
C SER A 103 -9.59 -23.43 -13.70
N ALA A 104 -8.58 -23.41 -12.80
CA ALA A 104 -8.75 -22.73 -11.58
C ALA A 104 -8.60 -21.26 -11.97
N MET A 105 -7.76 -21.03 -13.00
CA MET A 105 -7.52 -19.69 -13.52
C MET A 105 -8.76 -19.16 -14.18
N GLN A 106 -9.37 -19.96 -15.08
CA GLN A 106 -10.61 -19.52 -15.79
C GLN A 106 -11.72 -19.10 -14.81
N SER A 107 -11.76 -19.86 -13.71
CA SER A 107 -12.74 -19.73 -12.65
C SER A 107 -12.52 -18.47 -11.89
N ALA A 108 -11.23 -18.21 -11.54
CA ALA A 108 -10.78 -16.97 -10.92
C ALA A 108 -11.22 -15.75 -11.76
N VAL A 109 -11.06 -15.84 -13.08
CA VAL A 109 -11.48 -14.67 -13.87
C VAL A 109 -13.02 -14.62 -13.91
N ALA A 110 -13.68 -15.78 -13.88
CA ALA A 110 -15.11 -15.72 -13.88
C ALA A 110 -15.52 -15.16 -12.56
N ASP A 111 -14.93 -15.57 -11.46
CA ASP A 111 -15.43 -15.20 -10.15
C ASP A 111 -15.03 -13.84 -9.67
N TYR A 112 -13.90 -13.33 -10.16
CA TYR A 112 -13.28 -12.03 -9.71
C TYR A 112 -12.94 -10.92 -10.77
N GLY A 113 -13.22 -11.21 -12.06
CA GLY A 113 -12.80 -10.35 -13.15
C GLY A 113 -13.43 -9.05 -12.82
N TYR A 114 -14.61 -9.14 -12.25
CA TYR A 114 -15.31 -7.94 -11.97
C TYR A 114 -14.62 -6.93 -11.09
N LEU A 115 -13.62 -7.32 -10.30
CA LEU A 115 -12.93 -6.35 -9.41
C LEU A 115 -12.06 -5.48 -10.26
N LEU A 116 -11.93 -5.71 -11.57
CA LEU A 116 -11.10 -4.85 -12.39
C LEU A 116 -11.89 -3.68 -12.90
N ASP A 117 -13.23 -3.80 -12.88
CA ASP A 117 -14.17 -2.76 -13.43
C ASP A 117 -14.17 -1.58 -12.51
N ASP A 118 -14.03 -0.38 -13.05
CA ASP A 118 -13.73 0.82 -12.23
C ASP A 118 -14.46 2.02 -12.87
N GLY A 119 -15.76 1.89 -13.12
CA GLY A 119 -16.48 2.95 -13.77
C GLY A 119 -15.95 3.35 -15.13
N THR A 120 -15.21 2.54 -15.89
CA THR A 120 -14.77 2.94 -17.27
C THR A 120 -15.06 1.84 -18.30
N GLY A 121 -16.03 0.99 -17.95
CA GLY A 121 -16.56 -0.04 -18.87
C GLY A 121 -15.73 -1.31 -18.74
N ARG A 122 -16.19 -2.39 -19.36
CA ARG A 122 -15.50 -3.64 -19.21
C ARG A 122 -14.01 -3.33 -19.41
N VAL A 123 -13.22 -3.75 -18.42
CA VAL A 123 -11.74 -3.78 -18.43
C VAL A 123 -11.20 -5.20 -18.87
N GLU A 124 -10.31 -5.23 -19.85
CA GLU A 124 -9.85 -6.53 -20.24
C GLU A 124 -8.59 -6.91 -19.47
N VAL A 125 -8.22 -8.17 -19.62
CA VAL A 125 -7.23 -8.72 -18.76
C VAL A 125 -6.53 -9.75 -19.58
N GLY A 126 -5.18 -9.84 -19.48
CA GLY A 126 -4.43 -11.01 -20.02
C GLY A 126 -3.33 -11.45 -19.04
N ASN A 127 -3.27 -12.73 -18.66
CA ASN A 127 -2.27 -13.27 -17.69
C ASN A 127 -1.66 -14.50 -18.22
N VAL A 128 -0.40 -14.76 -17.89
CA VAL A 128 0.21 -15.99 -18.34
C VAL A 128 1.04 -16.46 -17.19
N LEU A 129 0.84 -17.72 -16.83
CA LEU A 129 1.56 -18.29 -15.72
C LEU A 129 2.55 -19.23 -16.29
N MET A 130 3.84 -18.98 -16.05
CA MET A 130 4.99 -19.69 -16.71
C MET A 130 6.00 -20.33 -15.70
N ASP A 131 6.32 -21.65 -15.87
CA ASP A 131 7.37 -22.32 -15.05
C ASP A 131 8.73 -21.64 -15.23
N ASN A 132 9.34 -21.13 -14.14
CA ASN A 132 10.61 -20.43 -14.31
C ASN A 132 11.75 -21.20 -14.87
N GLN A 133 11.49 -22.47 -15.19
CA GLN A 133 12.60 -23.42 -15.42
C GLN A 133 12.57 -24.28 -16.62
N THR A 134 11.39 -24.83 -16.92
CA THR A 134 11.07 -25.29 -18.23
C THR A 134 10.90 -24.05 -19.21
N GLY A 135 10.28 -22.95 -18.81
CA GLY A 135 9.67 -21.94 -19.80
C GLY A 135 8.20 -22.28 -20.28
N ALA A 136 7.72 -23.41 -19.78
CA ALA A 136 6.41 -23.89 -20.11
C ALA A 136 5.29 -23.01 -19.51
N ILE A 137 4.18 -22.93 -20.24
CA ILE A 137 3.10 -22.15 -19.73
C ILE A 137 2.09 -23.06 -19.09
N LEU A 138 1.89 -22.94 -17.78
CA LEU A 138 1.04 -23.91 -17.09
C LEU A 138 -0.38 -23.50 -17.28
N GLY A 139 -0.62 -22.24 -17.61
CA GLY A 139 -2.02 -21.81 -17.83
C GLY A 139 -2.07 -20.29 -18.04
N PHE A 140 -3.24 -19.83 -18.52
CA PHE A 140 -3.38 -18.40 -18.80
C PHE A 140 -4.78 -17.89 -18.73
N VAL A 141 -4.92 -16.56 -18.70
CA VAL A 141 -6.21 -15.91 -18.86
C VAL A 141 -6.19 -15.09 -20.15
N GLY A 142 -7.14 -15.44 -21.01
CA GLY A 142 -7.30 -14.78 -22.27
C GLY A 142 -8.06 -13.50 -22.26
N GLY A 143 -9.01 -13.32 -21.37
CA GLY A 143 -9.74 -12.07 -21.35
C GLY A 143 -10.88 -12.38 -20.44
N ARG A 144 -11.75 -11.41 -20.12
CA ARG A 144 -12.85 -11.69 -19.15
C ARG A 144 -13.83 -12.79 -19.62
N ASN A 145 -14.01 -12.99 -20.93
CA ASN A 145 -15.05 -13.91 -21.35
C ASN A 145 -15.08 -14.15 -22.82
N TYR A 146 -14.50 -15.29 -23.22
CA TYR A 146 -14.39 -15.68 -24.62
C TYR A 146 -15.66 -15.54 -25.45
N GLN A 147 -16.83 -15.91 -24.87
CA GLN A 147 -18.14 -15.73 -25.53
C GLN A 147 -18.34 -14.26 -25.86
N GLU A 148 -18.39 -13.38 -24.85
CA GLU A 148 -18.69 -11.96 -25.11
C GLU A 148 -17.65 -11.26 -25.96
N ASN A 149 -16.38 -11.63 -25.87
CA ASN A 149 -15.33 -11.03 -26.70
C ASN A 149 -14.14 -11.93 -26.93
N GLN A 150 -13.70 -12.07 -28.19
CA GLN A 150 -12.69 -13.06 -28.44
C GLN A 150 -11.26 -12.71 -28.57
N ASN A 151 -10.83 -11.46 -28.60
CA ASN A 151 -9.36 -11.27 -28.71
C ASN A 151 -8.58 -11.87 -27.58
N ASN A 152 -7.42 -12.40 -27.90
CA ASN A 152 -6.69 -12.99 -26.86
C ASN A 152 -5.62 -12.04 -26.25
N HIS A 153 -5.91 -11.57 -25.03
CA HIS A 153 -5.16 -10.56 -24.41
C HIS A 153 -3.93 -11.22 -23.80
N ALA A 154 -3.91 -12.57 -23.74
CA ALA A 154 -2.67 -13.21 -23.22
C ALA A 154 -1.74 -13.38 -24.31
N PHE A 155 -2.26 -13.63 -25.51
CA PHE A 155 -1.37 -14.05 -26.62
C PHE A 155 -1.11 -13.19 -27.83
N ASP A 156 -2.11 -12.46 -28.31
CA ASP A 156 -2.07 -11.63 -29.52
C ASP A 156 -2.07 -10.15 -29.15
N THR A 157 -2.83 -9.65 -28.18
CA THR A 157 -2.62 -8.26 -27.98
C THR A 157 -1.29 -7.74 -27.53
N LYS A 158 -0.94 -6.53 -27.97
CA LYS A 158 0.41 -5.91 -27.69
C LYS A 158 0.30 -4.45 -27.23
N ARG A 159 0.86 -4.16 -26.04
CA ARG A 159 0.87 -2.81 -25.50
C ARG A 159 2.29 -2.46 -24.88
N SER A 160 2.48 -1.21 -24.52
CA SER A 160 3.76 -1.03 -24.05
C SER A 160 3.98 -1.59 -22.61
N PRO A 161 5.10 -2.22 -22.44
CA PRO A 161 5.27 -2.67 -21.10
C PRO A 161 5.52 -1.56 -20.08
N ALA A 162 5.61 -0.29 -20.50
CA ALA A 162 5.94 0.90 -19.63
C ALA A 162 7.23 0.80 -18.82
N SER A 163 7.07 0.98 -17.14
CA SER A 163 8.11 1.03 -16.16
C SER A 163 8.48 -0.35 -15.76
N THR A 164 7.79 -1.35 -16.72
CA THR A 164 8.33 -2.68 -16.28
C THR A 164 9.45 -3.01 -17.22
N THR A 165 9.80 -2.08 -18.09
CA THR A 165 10.92 -2.30 -18.99
C THR A 165 12.16 -2.04 -18.22
N LYS A 166 12.02 -1.17 -17.21
CA LYS A 166 13.19 -0.71 -16.48
C LYS A 166 14.12 -1.87 -16.04
N PRO A 167 13.58 -2.90 -15.35
CA PRO A 167 14.51 -3.84 -14.84
C PRO A 167 15.29 -4.64 -15.93
N LEU A 168 14.77 -4.91 -17.15
CA LEU A 168 15.54 -5.73 -18.09
C LEU A 168 16.40 -4.81 -18.93
N LEU A 169 15.84 -3.68 -19.37
CA LEU A 169 16.53 -2.93 -20.41
C LEU A 169 17.53 -1.88 -19.88
N ALA A 170 17.29 -1.31 -18.71
CA ALA A 170 18.21 -0.33 -18.13
C ALA A 170 19.02 -0.97 -16.93
N TYR A 171 18.42 -1.14 -15.76
CA TYR A 171 19.17 -1.51 -14.58
C TYR A 171 19.77 -2.89 -14.72
N GLY A 172 18.98 -3.94 -14.93
CA GLY A 172 19.54 -5.25 -15.20
C GLY A 172 20.80 -5.15 -16.02
N ILE A 173 20.75 -4.54 -17.23
CA ILE A 173 21.95 -4.42 -18.11
C ILE A 173 23.18 -3.72 -17.48
N ALA A 174 22.98 -2.53 -16.94
CA ALA A 174 24.09 -1.76 -16.46
C ALA A 174 24.82 -2.48 -15.29
N ILE A 175 24.09 -2.87 -14.26
CA ILE A 175 24.64 -3.70 -13.17
C ILE A 175 25.44 -4.78 -13.82
N ASP A 176 24.86 -5.36 -14.88
CA ASP A 176 25.47 -6.51 -15.48
C ASP A 176 26.70 -6.19 -16.23
N GLN A 177 26.99 -4.94 -16.56
CA GLN A 177 28.26 -4.58 -17.23
C GLN A 177 29.08 -3.92 -16.18
N GLY A 178 28.93 -4.36 -14.93
CA GLY A 178 29.45 -3.59 -13.78
C GLY A 178 29.48 -2.06 -13.88
N LEU A 179 28.49 -1.41 -14.50
CA LEU A 179 28.53 0.07 -14.52
C LEU A 179 27.75 0.54 -13.38
N MET A 180 27.15 -0.36 -12.61
CA MET A 180 26.56 0.01 -11.30
C MET A 180 26.28 -1.24 -10.45
N GLY A 181 25.98 -0.95 -9.16
CA GLY A 181 25.50 -1.89 -8.13
C GLY A 181 24.29 -1.52 -7.24
N SER A 182 23.92 -2.46 -6.35
CA SER A 182 22.68 -2.38 -5.51
C SER A 182 22.35 -1.02 -4.89
N GLU A 183 23.33 -0.30 -4.39
CA GLU A 183 22.93 0.99 -3.83
C GLU A 183 23.70 2.09 -4.54
N THR A 184 23.89 2.03 -5.88
CA THR A 184 24.50 3.17 -6.57
C THR A 184 23.51 4.27 -6.63
N ILE A 185 23.78 5.36 -7.30
CA ILE A 185 22.98 6.55 -7.06
C ILE A 185 22.71 7.23 -8.31
N LEU A 186 21.44 7.61 -8.49
CA LEU A 186 21.02 8.20 -9.79
C LEU A 186 20.42 9.59 -9.61
N SER A 187 20.71 10.57 -10.51
CA SER A 187 20.05 11.86 -10.45
C SER A 187 18.62 11.67 -10.77
N ASN A 188 17.71 12.00 -9.86
CA ASN A 188 16.33 12.28 -10.36
C ASN A 188 16.01 13.79 -10.43
N TYR A 189 17.05 14.65 -10.53
CA TYR A 189 16.93 16.16 -10.75
C TYR A 189 16.26 16.33 -12.10
N PRO A 190 15.37 17.31 -12.22
CA PRO A 190 14.72 17.72 -13.44
C PRO A 190 15.63 17.72 -14.70
N THR A 191 15.09 17.49 -15.91
CA THR A 191 15.94 17.54 -17.11
C THR A 191 15.14 17.24 -18.31
N ASN A 192 15.60 17.61 -19.46
CA ASN A 192 14.68 17.56 -20.57
C ASN A 192 14.98 16.63 -21.71
N PHE A 193 13.99 15.99 -22.30
CA PHE A 193 14.29 15.38 -23.57
C PHE A 193 15.02 16.37 -24.54
N ALA A 194 15.49 15.87 -25.64
CA ALA A 194 16.21 16.71 -26.55
C ALA A 194 15.30 17.72 -27.28
N ASN A 195 13.98 17.43 -27.37
CA ASN A 195 13.00 18.41 -27.93
C ASN A 195 12.95 19.74 -27.03
N GLY A 196 13.50 19.69 -25.82
CA GLY A 196 13.24 20.71 -24.83
C GLY A 196 12.13 20.45 -23.77
N ASN A 197 11.23 19.48 -23.99
CA ASN A 197 10.23 19.09 -22.95
C ASN A 197 10.74 18.32 -21.75
N PRO A 198 10.23 18.67 -20.57
CA PRO A 198 10.54 18.02 -19.31
C PRO A 198 10.26 16.48 -19.25
N ILE A 199 11.23 15.69 -18.77
CA ILE A 199 10.99 14.31 -18.47
C ILE A 199 10.07 14.22 -17.27
N MET A 200 8.89 13.62 -17.43
CA MET A 200 7.95 13.70 -16.29
C MET A 200 7.78 12.42 -15.56
N TYR A 201 7.30 12.49 -14.34
CA TYR A 201 6.84 11.35 -13.57
C TYR A 201 5.49 11.75 -13.05
N ALA A 202 4.39 11.25 -13.63
CA ALA A 202 3.00 11.54 -13.12
C ALA A 202 2.96 13.01 -13.23
N ASN A 203 2.97 13.67 -12.05
CA ASN A 203 3.06 15.14 -12.06
C ASN A 203 4.35 15.98 -11.77
N SER A 204 5.41 15.26 -11.38
CA SER A 204 6.70 15.76 -10.97
C SER A 204 7.69 16.11 -12.09
N LYS A 205 8.42 17.17 -11.80
CA LYS A 205 9.53 17.53 -12.66
C LYS A 205 10.81 16.84 -12.18
N GLY A 206 10.76 16.12 -11.07
CA GLY A 206 12.04 15.63 -10.51
C GLY A 206 12.22 16.06 -9.04
N THR A 207 13.35 15.63 -8.46
CA THR A 207 13.66 15.76 -7.06
C THR A 207 15.11 15.41 -6.81
N GLY A 208 16.09 16.11 -7.31
CA GLY A 208 17.38 15.56 -6.81
C GLY A 208 17.75 14.02 -6.75
N MET A 209 18.90 13.71 -6.10
CA MET A 209 19.51 12.39 -6.13
C MET A 209 18.70 11.35 -5.35
N MET A 210 18.88 10.05 -5.70
CA MET A 210 18.28 8.90 -4.99
C MET A 210 18.96 7.50 -5.23
N THR A 211 18.75 6.52 -4.33
CA THR A 211 19.33 5.22 -4.59
C THR A 211 18.61 4.48 -5.75
N LEU A 212 19.28 3.53 -6.44
CA LEU A 212 18.66 2.56 -7.29
C LEU A 212 17.43 1.89 -6.67
N GLY A 213 17.59 1.36 -5.44
CA GLY A 213 16.43 1.06 -4.54
C GLY A 213 15.18 2.00 -4.59
N GLU A 214 15.34 3.28 -4.20
CA GLU A 214 14.23 4.26 -4.32
C GLU A 214 13.72 4.34 -5.81
N ALA A 215 14.62 4.30 -6.78
CA ALA A 215 14.17 4.70 -8.07
C ALA A 215 13.23 3.65 -8.58
N LEU A 216 13.56 2.36 -8.35
CA LEU A 216 12.65 1.26 -8.65
C LEU A 216 11.36 1.22 -7.80
N ASN A 217 11.45 1.54 -6.52
CA ASN A 217 10.33 1.36 -5.62
C ASN A 217 9.20 2.34 -5.93
N TYR A 218 9.52 3.40 -6.65
CA TYR A 218 8.66 4.46 -7.04
C TYR A 218 8.53 4.56 -8.52
N SER A 219 9.44 3.94 -9.26
CA SER A 219 9.52 4.04 -10.71
C SER A 219 9.68 5.44 -11.26
N TRP A 220 10.65 6.15 -10.72
CA TRP A 220 10.90 7.48 -11.21
C TRP A 220 11.43 7.34 -12.61
N ASN A 221 11.10 8.29 -13.47
CA ASN A 221 11.54 8.13 -14.83
C ASN A 221 12.95 8.55 -15.13
N ILE A 222 13.37 9.70 -14.62
CA ILE A 222 14.68 10.21 -14.93
C ILE A 222 15.85 9.26 -14.74
N PRO A 223 15.98 8.58 -13.58
CA PRO A 223 17.04 7.57 -13.40
C PRO A 223 17.16 6.57 -14.50
N ALA A 224 16.04 6.12 -15.05
CA ALA A 224 16.00 5.17 -16.13
C ALA A 224 16.51 5.84 -17.34
N TYR A 225 15.98 7.03 -17.58
CA TYR A 225 16.53 7.85 -18.68
C TYR A 225 18.08 8.02 -18.65
N TRP A 226 18.70 8.28 -17.48
CA TRP A 226 20.15 8.49 -17.48
C TRP A 226 20.95 7.17 -17.68
N THR A 227 20.31 6.04 -17.31
CA THR A 227 20.91 4.72 -17.27
C THR A 227 21.10 4.37 -18.70
N TYR A 228 20.01 4.12 -19.42
CA TYR A 228 20.09 3.93 -20.91
C TYR A 228 21.04 4.91 -21.63
N ARG A 229 20.95 6.18 -21.28
CA ARG A 229 21.88 7.09 -21.94
C ARG A 229 23.39 6.69 -21.74
N MET A 230 23.71 6.18 -20.55
CA MET A 230 25.07 5.91 -20.25
C MET A 230 25.42 4.62 -20.97
N LEU A 231 24.49 3.69 -21.02
CA LEU A 231 24.69 2.50 -21.75
C LEU A 231 25.05 2.89 -23.18
N ARG A 232 24.37 3.94 -23.64
CA ARG A 232 24.50 4.31 -25.06
C ARG A 232 25.83 4.91 -25.33
N GLU A 233 26.24 5.85 -24.54
CA GLU A 233 27.67 6.21 -24.46
C GLU A 233 28.79 5.13 -24.14
N ASN A 234 28.55 4.03 -23.47
CA ASN A 234 29.57 2.95 -23.56
C ASN A 234 29.34 1.95 -24.73
N GLY A 235 28.44 2.31 -25.64
CA GLY A 235 27.78 1.35 -26.51
C GLY A 235 27.71 -0.12 -26.17
N VAL A 236 27.17 -0.42 -24.99
CA VAL A 236 26.71 -1.76 -24.66
C VAL A 236 25.72 -2.24 -25.71
N ASP A 237 25.93 -3.48 -26.12
CA ASP A 237 25.06 -4.07 -27.11
C ASP A 237 23.74 -4.46 -26.43
N VAL A 238 22.95 -3.40 -26.16
CA VAL A 238 21.64 -3.61 -25.52
C VAL A 238 20.77 -4.61 -26.29
N LYS A 239 20.78 -4.45 -27.60
CA LYS A 239 19.88 -5.20 -28.38
C LYS A 239 20.22 -6.71 -28.28
N GLY A 240 21.51 -6.97 -28.06
CA GLY A 240 21.92 -8.33 -28.00
C GLY A 240 21.15 -9.07 -26.92
N TYR A 241 21.00 -8.39 -25.78
CA TYR A 241 20.38 -8.89 -24.61
C TYR A 241 18.90 -9.08 -24.92
N MET A 242 18.23 -8.01 -25.40
CA MET A 242 16.79 -8.10 -25.50
C MET A 242 16.39 -9.17 -26.50
N GLU A 243 17.31 -9.40 -27.43
CA GLU A 243 17.03 -10.27 -28.53
C GLU A 243 17.17 -11.68 -28.08
N LYS A 244 18.11 -11.93 -27.22
CA LYS A 244 18.21 -13.19 -26.60
C LYS A 244 16.98 -13.66 -25.79
N MET A 245 16.09 -12.78 -25.37
CA MET A 245 14.84 -13.22 -24.68
C MET A 245 13.69 -13.28 -25.63
N GLY A 246 13.88 -12.80 -26.84
CA GLY A 246 12.77 -12.97 -27.73
C GLY A 246 12.02 -11.73 -28.07
N TYR A 247 12.57 -10.63 -27.57
CA TYR A 247 12.01 -9.35 -27.83
C TYR A 247 12.28 -8.81 -29.25
N GLU A 248 11.25 -8.22 -29.91
CA GLU A 248 11.48 -7.45 -31.14
C GLU A 248 11.21 -6.00 -31.02
N ILE A 249 12.27 -5.19 -30.93
CA ILE A 249 12.11 -3.76 -30.83
C ILE A 249 12.61 -3.07 -32.11
N PRO A 250 11.67 -2.38 -32.82
CA PRO A 250 12.16 -2.00 -34.14
C PRO A 250 13.23 -0.90 -34.09
N GLU A 251 13.36 -0.04 -33.04
CA GLU A 251 14.32 1.04 -33.08
C GLU A 251 14.87 1.32 -31.73
N TYR A 252 16.11 0.92 -31.40
CA TYR A 252 16.74 1.18 -30.07
C TYR A 252 17.21 2.60 -29.85
N GLY A 253 17.15 3.49 -30.86
CA GLY A 253 17.58 4.90 -30.64
C GLY A 253 16.41 5.76 -30.26
N ILE A 254 15.73 5.42 -29.17
CA ILE A 254 14.74 6.33 -28.62
C ILE A 254 15.02 6.74 -27.18
N GLU A 255 15.11 8.03 -26.90
CA GLU A 255 15.38 8.48 -25.56
C GLU A 255 14.49 7.90 -24.48
N SER A 256 13.21 7.58 -24.78
CA SER A 256 12.31 7.09 -23.69
C SER A 256 12.19 5.57 -23.72
N LEU A 257 12.95 4.95 -24.63
CA LEU A 257 13.01 3.53 -24.66
C LEU A 257 12.84 2.82 -23.28
N PRO A 258 13.70 3.12 -22.27
CA PRO A 258 13.73 2.39 -20.99
C PRO A 258 12.43 2.41 -20.24
N MET A 259 11.69 3.53 -20.38
CA MET A 259 10.35 3.70 -19.83
C MET A 259 9.34 2.96 -20.60
N GLY A 260 9.76 2.23 -21.62
CA GLY A 260 8.80 1.44 -22.40
C GLY A 260 8.20 2.23 -23.55
N GLY A 261 8.86 3.31 -23.92
CA GLY A 261 8.58 4.04 -25.16
C GLY A 261 9.14 3.34 -26.39
N GLY A 262 8.31 3.24 -27.43
CA GLY A 262 8.64 2.44 -28.57
C GLY A 262 8.71 0.93 -28.40
N ILE A 263 8.08 0.34 -27.39
CA ILE A 263 8.13 -1.11 -27.25
C ILE A 263 6.73 -1.55 -27.11
N GLU A 264 6.33 -2.54 -27.91
CA GLU A 264 4.97 -3.12 -27.77
C GLU A 264 5.14 -4.61 -27.53
N VAL A 265 4.46 -5.21 -26.54
CA VAL A 265 4.68 -6.64 -26.29
C VAL A 265 3.44 -7.35 -25.89
N THR A 266 3.54 -8.69 -25.88
CA THR A 266 2.43 -9.56 -25.43
C THR A 266 2.69 -10.03 -24.04
N VAL A 267 1.63 -10.40 -23.28
CA VAL A 267 1.82 -10.88 -21.92
C VAL A 267 2.70 -12.15 -21.91
N ALA A 268 2.30 -13.11 -22.72
CA ALA A 268 3.12 -14.26 -23.00
C ALA A 268 4.58 -13.90 -23.13
N GLN A 269 4.95 -12.89 -23.93
CA GLN A 269 6.34 -12.79 -24.38
C GLN A 269 7.09 -12.17 -23.26
N HIS A 270 6.39 -11.40 -22.49
CA HIS A 270 7.10 -10.48 -21.56
C HIS A 270 7.18 -11.18 -20.23
N THR A 271 6.17 -12.06 -19.98
CA THR A 271 6.28 -12.96 -18.93
C THR A 271 7.57 -13.71 -19.01
N ASN A 272 7.98 -13.94 -20.24
CA ASN A 272 9.21 -14.68 -20.56
C ASN A 272 10.39 -13.81 -20.16
N GLY A 273 10.21 -12.51 -20.12
CA GLY A 273 11.35 -11.67 -19.79
C GLY A 273 11.48 -11.82 -18.28
N TYR A 274 10.37 -11.91 -17.53
CA TYR A 274 10.57 -11.93 -16.09
C TYR A 274 11.04 -13.36 -15.67
N GLN A 275 10.49 -14.38 -16.35
CA GLN A 275 11.11 -15.71 -16.24
C GLN A 275 12.68 -15.61 -16.27
N THR A 276 13.27 -14.79 -17.13
CA THR A 276 14.74 -14.74 -17.14
C THR A 276 15.46 -14.24 -15.85
N LEU A 277 15.17 -13.02 -15.41
CA LEU A 277 15.59 -12.57 -14.12
C LEU A 277 15.26 -13.61 -13.04
N ALA A 278 14.12 -14.28 -13.14
CA ALA A 278 13.82 -15.14 -12.02
C ALA A 278 14.68 -16.39 -11.97
N ASN A 279 14.92 -17.03 -13.10
CA ASN A 279 15.73 -18.27 -13.21
C ASN A 279 17.20 -17.90 -13.27
N ASN A 280 17.59 -17.16 -12.26
CA ASN A 280 18.91 -16.69 -12.10
C ASN A 280 19.63 -16.25 -13.38
N GLY A 281 18.95 -15.41 -14.15
CA GLY A 281 19.53 -14.92 -15.41
C GLY A 281 19.50 -15.88 -16.64
N VAL A 282 18.83 -17.04 -16.52
CA VAL A 282 18.89 -18.03 -17.62
C VAL A 282 17.55 -18.11 -18.27
N TYR A 283 17.47 -17.56 -19.49
CA TYR A 283 16.28 -17.65 -20.38
C TYR A 283 16.02 -19.03 -20.91
N HIS A 284 14.80 -19.52 -20.68
CA HIS A 284 14.23 -20.64 -21.39
C HIS A 284 13.08 -20.09 -22.22
N GLN A 285 13.01 -20.59 -23.44
CA GLN A 285 12.10 -20.00 -24.41
C GLN A 285 10.64 -20.41 -24.10
N LYS A 286 9.75 -19.42 -24.00
CA LYS A 286 8.32 -19.63 -23.79
C LYS A 286 7.74 -20.68 -24.76
N HIS A 287 6.74 -21.50 -24.32
CA HIS A 287 5.99 -22.39 -25.21
C HIS A 287 4.76 -23.08 -24.62
N VAL A 288 3.92 -23.57 -25.49
CA VAL A 288 2.62 -24.06 -25.05
C VAL A 288 2.52 -25.50 -25.52
N ILE A 289 3.33 -25.81 -26.51
CA ILE A 289 3.43 -27.11 -27.09
C ILE A 289 4.82 -27.73 -26.85
N SER A 290 4.76 -28.94 -26.28
CA SER A 290 5.97 -29.74 -26.03
C SER A 290 6.17 -30.83 -27.10
N LYS A 291 5.11 -31.51 -27.56
CA LYS A 291 5.35 -32.65 -28.48
C LYS A 291 4.31 -32.79 -29.57
N ILE A 292 4.75 -33.02 -30.83
CA ILE A 292 3.82 -33.52 -31.90
C ILE A 292 4.20 -34.87 -32.49
N GLU A 293 3.23 -35.79 -32.52
CA GLU A 293 3.47 -37.23 -32.73
C GLU A 293 2.38 -37.57 -33.64
N ALA A 294 2.85 -38.28 -34.66
CA ALA A 294 2.08 -38.75 -35.81
C ALA A 294 1.34 -40.04 -35.49
N ALA A 295 0.24 -40.29 -36.21
CA ALA A 295 -0.40 -41.64 -36.12
C ALA A 295 0.57 -42.85 -35.67
N ASP A 296 1.61 -43.14 -36.44
CA ASP A 296 2.46 -44.32 -36.21
C ASP A 296 3.51 -44.10 -35.12
N GLY A 297 3.20 -43.18 -34.20
CA GLY A 297 4.18 -42.75 -33.21
C GLY A 297 5.37 -41.87 -33.60
N ARG A 298 5.58 -41.55 -34.89
CA ARG A 298 6.77 -40.73 -35.27
C ARG A 298 6.60 -39.25 -34.90
N VAL A 299 7.70 -38.72 -34.35
CA VAL A 299 7.76 -37.42 -33.71
C VAL A 299 7.97 -36.32 -34.75
N VAL A 300 6.91 -35.64 -35.11
CA VAL A 300 6.96 -34.47 -35.98
C VAL A 300 7.61 -33.12 -35.41
N TYR A 301 7.35 -32.78 -34.12
CA TYR A 301 7.92 -31.64 -33.38
C TYR A 301 8.11 -32.07 -31.92
N GLU A 302 9.27 -31.71 -31.38
CA GLU A 302 9.44 -31.82 -29.93
C GLU A 302 10.26 -30.67 -29.43
N TYR A 303 9.95 -30.23 -28.21
CA TYR A 303 10.51 -28.99 -27.73
C TYR A 303 11.96 -29.19 -27.48
N GLN A 304 12.80 -28.44 -28.14
CA GLN A 304 14.19 -28.52 -27.71
C GLN A 304 14.49 -27.57 -26.55
N ASP A 305 14.86 -28.09 -25.35
CA ASP A 305 15.42 -27.21 -24.34
C ASP A 305 16.75 -26.53 -24.65
N LYS A 306 16.84 -25.43 -25.35
CA LYS A 306 18.08 -24.67 -25.42
C LYS A 306 18.19 -23.46 -24.37
N PRO A 307 18.75 -23.63 -23.15
CA PRO A 307 18.90 -22.44 -22.24
C PRO A 307 19.93 -21.43 -22.71
N VAL A 308 19.84 -20.19 -22.24
CA VAL A 308 20.78 -19.18 -22.70
C VAL A 308 21.03 -18.33 -21.49
N GLN A 309 22.25 -17.81 -21.33
CA GLN A 309 22.60 -17.10 -20.09
C GLN A 309 22.60 -15.63 -20.43
N VAL A 310 21.48 -14.97 -20.28
CA VAL A 310 21.40 -13.59 -20.64
C VAL A 310 22.00 -12.60 -19.65
N TYR A 311 21.91 -12.87 -18.34
CA TYR A 311 22.53 -12.00 -17.33
C TYR A 311 23.41 -12.85 -16.39
N SER A 312 24.41 -12.22 -15.78
CA SER A 312 25.25 -13.00 -14.88
C SER A 312 24.42 -13.31 -13.67
N LYS A 313 24.56 -14.53 -13.15
CA LYS A 313 23.91 -14.91 -11.88
C LYS A 313 24.19 -13.87 -10.83
N ALA A 314 25.38 -13.30 -10.88
CA ALA A 314 25.55 -12.13 -10.02
C ALA A 314 24.41 -11.11 -10.32
N THR A 315 24.36 -10.56 -11.53
CA THR A 315 23.33 -9.57 -11.84
C THR A 315 21.88 -10.00 -11.52
N ALA A 316 21.44 -11.09 -12.14
CA ALA A 316 20.11 -11.58 -11.89
C ALA A 316 19.74 -11.65 -10.39
N THR A 317 20.59 -12.22 -9.50
CA THR A 317 20.14 -12.45 -8.10
C THR A 317 20.11 -11.13 -7.34
N ILE A 318 20.96 -10.19 -7.81
CA ILE A 318 21.10 -8.90 -7.21
C ILE A 318 19.80 -8.24 -7.37
N MET A 319 19.32 -8.35 -8.63
CA MET A 319 18.03 -7.77 -9.16
C MET A 319 16.75 -8.33 -8.49
N GLN A 320 16.79 -9.61 -8.20
CA GLN A 320 15.68 -10.19 -7.53
C GLN A 320 15.61 -9.62 -6.10
N GLY A 321 16.75 -9.32 -5.52
CA GLY A 321 16.70 -8.71 -4.19
C GLY A 321 15.92 -7.37 -4.24
N LEU A 322 16.27 -6.51 -5.24
CA LEU A 322 15.69 -5.16 -5.39
C LEU A 322 14.25 -5.25 -5.78
N LEU A 323 13.89 -6.34 -6.44
CA LEU A 323 12.58 -6.42 -6.99
C LEU A 323 11.71 -7.04 -5.94
N ARG A 324 12.31 -7.62 -4.92
CA ARG A 324 11.55 -8.04 -3.79
C ARG A 324 11.15 -6.81 -3.00
N GLU A 325 12.00 -5.74 -2.85
CA GLU A 325 11.42 -4.52 -2.16
C GLU A 325 10.45 -3.72 -3.03
N VAL A 326 10.33 -4.11 -4.29
CA VAL A 326 9.45 -3.25 -5.05
C VAL A 326 8.09 -3.60 -4.51
N LEU A 327 7.79 -4.88 -4.32
CA LEU A 327 6.49 -5.22 -3.73
C LEU A 327 6.35 -4.92 -2.23
N SER A 328 7.43 -5.00 -1.47
CA SER A 328 7.42 -4.85 0.00
C SER A 328 7.10 -3.49 0.35
N SER A 329 7.86 -2.59 -0.28
CA SER A 329 7.62 -1.23 -0.29
C SER A 329 6.17 -0.81 -0.58
N ARG A 330 5.42 -1.56 -1.37
CA ARG A 330 4.02 -1.21 -1.58
C ARG A 330 3.83 0.18 -2.16
N VAL A 331 4.88 0.81 -2.63
CA VAL A 331 4.72 2.18 -3.11
C VAL A 331 3.84 2.30 -4.38
N THR A 332 4.11 1.46 -5.38
CA THR A 332 3.27 1.51 -6.54
C THR A 332 2.36 0.23 -6.69
N THR A 333 2.31 -0.64 -5.67
CA THR A 333 1.27 -1.65 -5.74
C THR A 333 0.77 -2.11 -4.39
N THR A 334 -0.56 -2.17 -4.18
CA THR A 334 -1.08 -2.71 -2.93
C THR A 334 -0.90 -4.21 -2.85
N PHE A 335 -0.33 -4.87 -3.83
CA PHE A 335 -0.40 -6.35 -3.84
C PHE A 335 -0.11 -7.10 -2.55
N LYS A 336 1.12 -6.96 -2.01
CA LYS A 336 1.53 -7.80 -0.86
C LYS A 336 0.47 -7.72 0.24
N SER A 337 -0.10 -6.49 0.49
CA SER A 337 -1.22 -6.31 1.48
C SER A 337 -2.40 -7.17 1.07
N ASN A 338 -2.82 -7.10 -0.21
CA ASN A 338 -4.03 -7.79 -0.71
C ASN A 338 -3.79 -9.22 -0.45
N LEU A 339 -2.59 -9.74 -0.78
CA LEU A 339 -2.42 -11.19 -0.78
C LEU A 339 -2.41 -11.74 0.62
N THR A 340 -1.78 -10.99 1.50
CA THR A 340 -1.63 -11.30 2.93
C THR A 340 -3.02 -11.50 3.46
N SER A 341 -3.94 -10.59 3.11
CA SER A 341 -5.28 -10.65 3.61
C SER A 341 -5.99 -11.87 3.11
N LEU A 342 -5.66 -12.40 1.96
CA LEU A 342 -6.53 -13.49 1.50
C LEU A 342 -5.86 -14.80 1.82
N ASN A 343 -4.62 -14.75 2.30
CA ASN A 343 -3.88 -15.95 2.58
C ASN A 343 -2.43 -15.70 3.05
N PRO A 344 -2.25 -15.54 4.39
CA PRO A 344 -1.00 -15.12 4.98
C PRO A 344 0.13 -16.06 4.73
N THR A 345 -0.16 -17.35 4.60
CA THR A 345 0.96 -18.29 4.45
C THR A 345 1.68 -18.08 3.14
N LEU A 346 0.84 -18.19 2.10
CA LEU A 346 1.24 -17.87 0.78
C LEU A 346 1.84 -16.47 0.61
N ALA A 347 1.38 -15.45 1.38
CA ALA A 347 1.85 -14.09 1.14
C ALA A 347 3.25 -14.11 1.62
N ASN A 348 3.57 -15.24 2.26
CA ASN A 348 4.98 -15.45 2.73
C ASN A 348 6.03 -15.97 1.83
N ALA A 349 5.68 -16.36 0.60
CA ALA A 349 6.64 -16.89 -0.35
C ALA A 349 7.57 -15.79 -0.83
N ASP A 350 8.77 -16.09 -1.36
CA ASP A 350 9.68 -15.01 -1.59
C ASP A 350 9.27 -14.21 -2.88
N TRP A 351 8.13 -13.51 -2.88
CA TRP A 351 7.64 -12.76 -4.06
C TRP A 351 8.55 -11.60 -4.55
N ILE A 352 8.72 -11.47 -5.87
CA ILE A 352 9.34 -10.26 -6.44
C ILE A 352 8.45 -9.72 -7.62
N GLY A 353 8.56 -8.42 -7.97
CA GLY A 353 7.71 -7.92 -9.05
C GLY A 353 7.95 -6.48 -9.45
N LYS A 354 7.24 -6.01 -10.49
CA LYS A 354 7.40 -4.66 -10.92
C LYS A 354 6.08 -4.25 -11.57
N THR A 355 5.78 -2.94 -11.59
CA THR A 355 4.50 -2.48 -12.15
C THR A 355 4.83 -1.63 -13.29
N GLY A 356 3.81 -1.30 -14.09
CA GLY A 356 3.93 -0.24 -15.10
C GLY A 356 2.64 0.56 -15.37
N THR A 357 2.70 1.83 -15.65
CA THR A 357 1.47 2.50 -16.05
C THR A 357 1.77 3.28 -17.31
N THR A 358 0.91 3.29 -18.31
CA THR A 358 1.22 4.03 -19.55
C THR A 358 0.53 5.39 -19.57
N ASN A 359 1.00 6.29 -20.43
CA ASN A 359 0.35 7.54 -20.55
C ASN A 359 -1.17 7.51 -20.49
N GLN A 360 -1.74 8.46 -19.71
CA GLN A 360 -3.22 8.55 -19.53
C GLN A 360 -3.80 7.24 -19.04
N ASP A 361 -3.10 6.51 -18.19
CA ASP A 361 -3.71 5.39 -17.54
C ASP A 361 -4.37 4.44 -18.50
N GLU A 362 -3.77 4.21 -19.63
CA GLU A 362 -4.47 3.43 -20.59
C GLU A 362 -4.21 1.94 -20.43
N ASN A 363 -3.11 1.57 -19.82
CA ASN A 363 -2.83 0.15 -19.47
C ASN A 363 -2.14 -0.03 -18.11
N MET A 364 -2.29 -1.16 -17.44
CA MET A 364 -1.45 -1.36 -16.27
C MET A 364 -0.75 -2.68 -16.37
N TRP A 365 0.47 -2.80 -15.85
CA TRP A 365 1.07 -4.13 -15.83
C TRP A 365 1.53 -4.47 -14.49
N LEU A 366 1.45 -5.74 -14.14
CA LEU A 366 2.06 -6.30 -12.90
C LEU A 366 2.78 -7.68 -13.15
N MET A 367 4.06 -7.73 -12.87
CA MET A 367 4.74 -8.99 -13.10
C MET A 367 5.09 -9.58 -11.75
N LEU A 368 4.87 -10.87 -11.52
CA LEU A 368 5.28 -11.42 -10.27
C LEU A 368 6.07 -12.65 -10.55
N SER A 369 7.11 -12.93 -9.76
CA SER A 369 7.60 -14.32 -9.67
C SER A 369 7.94 -14.70 -8.24
N THR A 370 7.74 -15.97 -7.88
CA THR A 370 8.40 -16.55 -6.73
C THR A 370 9.55 -17.32 -7.37
N PRO A 371 10.47 -17.99 -6.63
CA PRO A 371 11.56 -18.43 -7.49
C PRO A 371 11.09 -19.54 -8.49
N ARG A 372 9.90 -20.13 -8.29
CA ARG A 372 9.61 -21.32 -9.03
C ARG A 372 8.64 -21.14 -10.15
N LEU A 373 7.83 -20.07 -10.11
CA LEU A 373 6.87 -19.67 -11.16
C LEU A 373 6.94 -18.22 -11.51
N THR A 374 6.62 -17.85 -12.77
CA THR A 374 6.19 -16.43 -13.07
C THR A 374 4.75 -16.16 -13.50
N LEU A 375 4.19 -15.08 -12.98
CA LEU A 375 2.84 -14.61 -13.35
C LEU A 375 2.89 -13.18 -14.02
N GLY A 376 2.58 -13.03 -15.30
CA GLY A 376 2.53 -11.68 -15.86
C GLY A 376 1.07 -11.26 -15.99
N GLY A 377 0.69 -9.99 -15.91
CA GLY A 377 -0.76 -9.61 -15.95
C GLY A 377 -0.88 -8.21 -16.45
N TRP A 378 -1.75 -7.98 -17.42
CA TRP A 378 -1.84 -6.68 -18.12
C TRP A 378 -3.28 -6.41 -18.05
N ILE A 379 -3.66 -5.22 -17.67
CA ILE A 379 -5.07 -4.91 -17.81
C ILE A 379 -5.17 -3.61 -18.59
N GLY A 380 -6.35 -3.39 -19.17
CA GLY A 380 -6.54 -2.39 -20.25
C GLY A 380 -7.90 -2.32 -20.99
N HIS A 381 -8.05 -1.38 -21.94
CA HIS A 381 -9.21 -1.48 -22.82
C HIS A 381 -8.79 -1.80 -24.25
N ASP A 382 -9.66 -2.51 -24.98
CA ASP A 382 -9.31 -3.00 -26.32
C ASP A 382 -9.10 -1.87 -27.28
N ASP A 383 -9.82 -0.80 -27.00
CA ASP A 383 -9.91 0.30 -27.93
C ASP A 383 -9.04 1.45 -27.45
N ASN A 384 -8.14 1.11 -26.55
CA ASN A 384 -7.16 2.09 -26.13
C ASN A 384 -7.48 3.23 -25.28
N HIS A 385 -8.72 3.35 -24.79
CA HIS A 385 -9.04 4.36 -23.80
C HIS A 385 -8.59 4.11 -22.38
N SER A 386 -9.00 4.99 -21.49
CA SER A 386 -8.38 5.13 -20.16
C SER A 386 -9.02 4.40 -19.00
N LEU A 387 -8.19 3.85 -18.09
CA LEU A 387 -8.68 3.28 -16.82
C LEU A 387 -8.69 4.36 -15.76
N SER A 388 -9.24 4.03 -14.58
CA SER A 388 -9.28 4.96 -13.46
C SER A 388 -7.84 5.27 -13.01
N GLN A 389 -7.53 6.28 -12.22
CA GLN A 389 -6.07 6.30 -11.80
C GLN A 389 -5.63 5.15 -10.97
N GLN A 390 -6.53 4.68 -10.15
CA GLN A 390 -6.26 3.60 -9.25
C GLN A 390 -6.05 2.23 -9.86
N ALA A 391 -6.34 2.05 -11.15
CA ALA A 391 -6.63 0.70 -11.68
C ALA A 391 -5.48 -0.25 -11.48
N GLY A 392 -4.29 0.22 -11.86
CA GLY A 392 -3.04 -0.53 -11.70
C GLY A 392 -2.60 -0.75 -10.26
N TYR A 393 -2.65 0.30 -9.46
CA TYR A 393 -2.14 0.32 -8.10
C TYR A 393 -3.02 -0.52 -7.15
N SER A 394 -4.32 -0.40 -7.36
CA SER A 394 -5.31 -1.14 -6.60
C SER A 394 -6.03 -2.40 -7.25
N ASN A 395 -6.85 -2.09 -8.24
CA ASN A 395 -7.63 -3.11 -8.90
C ASN A 395 -6.78 -4.22 -9.38
N ASN A 396 -5.92 -3.92 -10.32
CA ASN A 396 -5.16 -5.01 -10.91
C ASN A 396 -4.39 -5.80 -9.85
N SER A 397 -4.03 -5.13 -8.74
CA SER A 397 -3.30 -5.80 -7.65
C SER A 397 -4.16 -6.78 -6.89
N ASN A 398 -5.30 -6.31 -6.46
CA ASN A 398 -6.16 -7.16 -5.73
C ASN A 398 -6.64 -8.30 -6.70
N TYR A 399 -6.72 -8.05 -8.01
CA TYR A 399 -7.27 -9.11 -8.79
C TYR A 399 -6.24 -10.18 -8.92
N MET A 400 -5.01 -9.73 -9.19
CA MET A 400 -3.86 -10.68 -9.26
C MET A 400 -3.63 -11.50 -7.99
N ALA A 401 -3.92 -10.90 -6.82
CA ALA A 401 -3.81 -11.56 -5.58
C ALA A 401 -4.86 -12.58 -5.50
N HIS A 402 -6.03 -12.33 -6.04
CA HIS A 402 -7.06 -13.38 -5.98
C HIS A 402 -6.69 -14.55 -6.98
N LEU A 403 -6.20 -14.17 -8.16
CA LEU A 403 -5.82 -15.16 -9.08
C LEU A 403 -4.75 -15.96 -8.40
N VAL A 404 -3.80 -15.27 -7.78
CA VAL A 404 -2.68 -16.02 -7.17
C VAL A 404 -3.15 -17.09 -6.15
N ASN A 405 -4.05 -16.71 -5.25
CA ASN A 405 -4.69 -17.72 -4.41
C ASN A 405 -5.27 -18.82 -5.26
N ALA A 406 -5.96 -18.42 -6.33
CA ALA A 406 -6.74 -19.42 -6.99
C ALA A 406 -5.84 -20.55 -7.53
N ILE A 407 -4.74 -20.18 -8.20
CA ILE A 407 -3.81 -21.18 -8.61
C ILE A 407 -3.39 -22.03 -7.40
N GLN A 408 -2.84 -21.34 -6.38
CA GLN A 408 -2.56 -21.88 -5.08
C GLN A 408 -3.52 -22.98 -4.61
N GLN A 409 -4.82 -22.69 -4.53
CA GLN A 409 -5.76 -23.63 -3.98
C GLN A 409 -5.77 -24.87 -4.78
N ALA A 410 -5.60 -24.72 -6.08
CA ALA A 410 -5.75 -25.79 -7.06
C ALA A 410 -4.60 -26.69 -7.11
N SER A 411 -3.40 -26.27 -6.67
CA SER A 411 -2.11 -27.03 -6.80
C SER A 411 -1.14 -26.63 -5.65
N PRO A 412 -1.49 -27.03 -4.44
CA PRO A 412 -0.88 -26.46 -3.26
C PRO A 412 0.64 -26.32 -3.32
N SER A 413 1.33 -27.29 -3.84
CA SER A 413 2.75 -27.11 -3.77
C SER A 413 3.41 -26.14 -4.79
N ILE A 414 2.66 -25.47 -5.68
CA ILE A 414 3.20 -25.08 -7.01
C ILE A 414 4.17 -23.94 -7.11
N TRP A 415 3.86 -22.94 -6.24
CA TRP A 415 4.54 -21.67 -6.12
C TRP A 415 5.82 -21.82 -5.39
N GLY A 416 5.82 -22.74 -4.44
CA GLY A 416 7.06 -23.08 -3.79
C GLY A 416 7.40 -22.31 -2.52
N ASN A 417 8.38 -22.85 -1.80
CA ASN A 417 8.86 -22.13 -0.63
C ASN A 417 10.27 -21.61 -0.70
N GLU A 418 10.96 -21.84 -1.79
CA GLU A 418 12.36 -21.41 -1.84
C GLU A 418 12.59 -19.90 -1.71
N ARG A 419 13.79 -19.50 -1.34
CA ARG A 419 14.15 -18.10 -1.19
C ARG A 419 14.84 -17.74 -2.46
N PHE A 420 14.97 -16.48 -2.82
CA PHE A 420 15.76 -16.07 -3.98
C PHE A 420 16.96 -15.86 -3.22
N ALA A 421 18.14 -16.04 -3.77
CA ALA A 421 19.36 -15.74 -2.95
C ALA A 421 20.46 -15.19 -3.77
N LEU A 422 20.91 -14.03 -3.36
CA LEU A 422 22.28 -13.50 -3.71
C LEU A 422 23.33 -14.57 -4.06
N ASP A 423 23.78 -14.66 -5.32
CA ASP A 423 24.81 -15.67 -5.68
C ASP A 423 26.23 -15.37 -5.02
N PRO A 424 27.06 -16.43 -4.66
CA PRO A 424 28.50 -16.29 -4.24
C PRO A 424 29.31 -15.27 -5.06
N SER A 425 29.17 -15.30 -6.38
CA SER A 425 29.92 -14.40 -7.27
C SER A 425 29.65 -12.93 -7.11
N VAL A 426 28.54 -12.59 -6.45
CA VAL A 426 28.28 -11.20 -6.16
C VAL A 426 29.39 -10.66 -5.27
N VAL A 427 29.59 -9.35 -5.27
CA VAL A 427 30.73 -8.79 -4.59
C VAL A 427 30.35 -7.62 -3.71
N LYS A 428 30.57 -7.67 -2.39
CA LYS A 428 29.94 -6.61 -1.54
C LYS A 428 30.84 -5.42 -1.30
N SER A 429 30.35 -4.21 -1.13
CA SER A 429 31.33 -3.11 -0.94
C SER A 429 30.83 -2.23 0.14
N GLU A 430 31.72 -1.54 0.87
CA GLU A 430 31.26 -0.54 1.88
C GLU A 430 31.17 0.73 1.07
N VAL A 431 30.07 1.47 1.16
CA VAL A 431 29.93 2.71 0.37
C VAL A 431 29.14 3.76 1.13
N LEU A 432 29.35 5.04 0.85
CA LEU A 432 28.67 6.11 1.67
C LEU A 432 27.24 6.17 1.17
N LYS A 433 26.21 5.92 2.01
CA LYS A 433 24.78 6.07 1.64
C LYS A 433 24.68 7.27 0.73
N SER A 434 25.22 8.39 1.18
CA SER A 434 25.32 9.59 0.36
C SER A 434 25.87 9.52 -1.13
N THR A 435 26.71 8.57 -1.48
CA THR A 435 27.20 8.53 -2.84
C THR A 435 27.50 7.14 -3.40
N GLY A 436 26.71 6.13 -3.12
CA GLY A 436 26.95 4.83 -3.72
C GLY A 436 28.38 4.32 -3.84
N GLN A 437 29.34 5.14 -3.40
CA GLN A 437 30.77 4.90 -3.65
C GLN A 437 31.61 4.95 -2.40
N LYS A 438 32.59 4.02 -2.39
CA LYS A 438 33.64 3.88 -1.35
C LYS A 438 34.24 5.24 -1.02
N PRO A 439 34.43 5.50 0.32
CA PRO A 439 34.75 6.84 0.94
C PRO A 439 36.22 7.28 0.61
N GLY A 440 36.57 8.57 0.55
CA GLY A 440 37.94 8.89 0.16
C GLY A 440 38.03 10.37 -0.03
N LYS A 441 39.17 10.76 -0.58
CA LYS A 441 39.37 12.20 -0.80
C LYS A 441 38.63 12.68 -2.09
N VAL A 442 38.01 13.87 -2.11
CA VAL A 442 37.54 14.45 -3.41
C VAL A 442 37.57 15.97 -3.56
N SER A 443 37.70 16.36 -4.83
CA SER A 443 37.90 17.71 -5.31
C SER A 443 36.62 18.62 -5.31
N VAL A 444 36.32 19.35 -4.23
CA VAL A 444 35.10 20.21 -4.31
C VAL A 444 35.33 21.73 -4.52
N GLU A 445 35.88 22.07 -5.71
CA GLU A 445 36.20 23.46 -6.12
C GLU A 445 37.07 24.23 -5.10
N GLY A 446 38.40 24.26 -5.38
CA GLY A 446 39.44 24.44 -4.35
C GLY A 446 39.04 23.51 -3.21
N LYS A 447 39.47 23.79 -1.99
CA LYS A 447 39.14 22.86 -0.90
C LYS A 447 38.80 21.36 -1.28
N GLU A 448 39.81 20.49 -1.51
CA GLU A 448 39.64 19.02 -1.55
C GLU A 448 39.19 18.51 -0.16
N VAL A 449 38.48 17.36 -0.18
CA VAL A 449 37.61 16.90 0.90
C VAL A 449 37.75 15.42 1.27
N GLU A 450 37.68 15.23 2.60
CA GLU A 450 37.61 13.96 3.25
C GLU A 450 36.12 13.76 3.29
N VAL A 451 35.70 12.58 2.83
CA VAL A 451 34.34 12.22 2.50
C VAL A 451 34.03 11.09 3.42
N THR A 452 33.22 11.38 4.43
CA THR A 452 32.76 10.38 5.41
C THR A 452 31.33 10.70 5.76
N GLY A 453 30.63 9.76 6.47
CA GLY A 453 29.17 9.77 6.78
C GLY A 453 28.89 8.29 6.99
N SER A 454 27.64 7.83 7.14
CA SER A 454 27.51 6.34 7.25
C SER A 454 27.53 5.53 5.92
N THR A 455 27.76 4.23 6.12
CA THR A 455 28.12 3.39 5.01
C THR A 455 26.97 2.45 4.84
N VAL A 456 26.99 1.74 3.71
CA VAL A 456 26.14 0.59 3.47
C VAL A 456 26.85 -0.44 2.55
N THR A 457 26.54 -1.75 2.67
CA THR A 457 27.02 -2.77 1.71
C THR A 457 26.21 -2.64 0.41
N SER A 458 26.86 -2.68 -0.77
CA SER A 458 26.24 -2.40 -2.07
C SER A 458 26.68 -3.60 -2.88
N TYR A 459 25.77 -4.22 -3.64
CA TYR A 459 26.07 -5.46 -4.36
C TYR A 459 26.53 -5.18 -5.76
N TRP A 460 27.44 -5.95 -6.32
CA TRP A 460 27.99 -5.58 -7.63
C TRP A 460 28.23 -6.83 -8.44
N ALA A 461 28.03 -6.78 -9.77
CA ALA A 461 28.07 -8.04 -10.59
C ALA A 461 29.26 -8.16 -11.48
N ASN A 462 30.30 -7.43 -11.08
CA ASN A 462 31.59 -7.41 -11.67
C ASN A 462 32.64 -8.12 -10.74
N LYS A 463 33.90 -8.20 -11.17
CA LYS A 463 35.05 -8.74 -10.36
C LYS A 463 35.44 -7.83 -9.14
N SER A 464 35.77 -6.58 -9.39
CA SER A 464 36.26 -5.71 -8.33
C SER A 464 35.29 -4.84 -7.51
N GLY A 465 33.97 -4.95 -7.59
CA GLY A 465 33.13 -4.08 -6.72
C GLY A 465 33.07 -2.56 -7.03
N ALA A 466 32.69 -1.78 -6.02
CA ALA A 466 32.40 -0.34 -6.18
C ALA A 466 33.69 0.43 -6.54
N PRO A 467 33.58 1.60 -7.22
CA PRO A 467 34.70 2.55 -7.20
C PRO A 467 34.84 3.37 -5.92
N ALA A 468 35.98 4.04 -5.82
CA ALA A 468 36.14 5.19 -4.93
C ALA A 468 35.15 6.30 -5.34
N THR A 469 34.79 7.15 -4.38
CA THR A 469 33.91 8.29 -4.65
C THR A 469 34.55 9.23 -5.64
N SER A 470 33.77 9.90 -6.49
CA SER A 470 34.36 10.73 -7.53
C SER A 470 33.49 11.90 -7.49
N TYR A 471 33.88 13.02 -8.09
CA TYR A 471 32.97 14.17 -7.94
C TYR A 471 31.59 13.80 -8.55
N ARG A 472 31.61 13.00 -9.63
CA ARG A 472 30.40 12.65 -10.32
C ARG A 472 30.06 11.18 -10.01
N PHE A 473 29.51 10.95 -8.81
CA PHE A 473 29.24 9.60 -8.32
C PHE A 473 27.98 9.04 -8.94
N ALA A 474 27.09 9.91 -9.39
CA ALA A 474 25.79 9.38 -9.75
C ALA A 474 25.73 9.16 -11.24
N ILE A 475 24.79 8.29 -11.62
CA ILE A 475 24.40 8.11 -13.03
C ILE A 475 23.54 9.25 -13.40
N GLY A 476 23.99 10.04 -14.36
CA GLY A 476 23.29 11.27 -14.79
C GLY A 476 23.61 12.44 -13.87
N GLY A 477 22.85 13.54 -14.02
CA GLY A 477 23.08 14.80 -13.26
C GLY A 477 23.76 15.92 -14.06
N SER A 478 23.16 17.12 -13.99
CA SER A 478 23.82 18.30 -14.54
C SER A 478 24.89 18.99 -13.62
N ASP A 479 25.40 20.15 -14.08
CA ASP A 479 26.50 20.78 -13.31
C ASP A 479 25.92 21.51 -12.16
N ALA A 480 24.90 22.29 -12.47
CA ALA A 480 24.05 22.86 -11.45
C ALA A 480 23.75 21.77 -10.45
N ASP A 481 23.49 20.54 -10.92
CA ASP A 481 22.88 19.51 -10.02
C ASP A 481 23.84 19.11 -8.94
N TYR A 482 24.95 18.53 -9.37
CA TYR A 482 26.09 18.12 -8.60
C TYR A 482 26.58 19.16 -7.58
N GLN A 483 26.31 20.44 -7.87
CA GLN A 483 26.71 21.58 -7.01
C GLN A 483 25.84 21.68 -5.80
N ASN A 484 24.53 21.68 -5.99
CA ASN A 484 23.60 21.61 -4.89
C ASN A 484 23.67 20.24 -4.12
N ALA A 485 24.11 19.23 -4.85
CA ALA A 485 24.17 17.92 -4.27
C ALA A 485 25.35 17.86 -3.38
N TRP A 486 26.51 18.31 -3.88
CA TRP A 486 27.76 18.15 -3.11
C TRP A 486 27.77 19.17 -1.91
N SER A 487 27.14 20.31 -2.20
CA SER A 487 26.78 21.33 -1.27
C SER A 487 26.19 20.73 -0.01
N SER A 488 25.11 20.01 -0.21
CA SER A 488 24.37 19.45 0.85
C SER A 488 25.14 18.30 1.53
N ILE A 489 25.77 17.45 0.71
CA ILE A 489 26.64 16.40 1.24
C ILE A 489 27.63 17.04 2.15
N VAL A 490 28.04 18.27 1.85
CA VAL A 490 28.96 19.02 2.74
C VAL A 490 28.58 19.20 4.26
N GLY A 491 27.35 19.65 4.70
CA GLY A 491 26.87 19.41 6.11
C GLY A 491 27.27 17.99 6.61
N SER A 492 28.53 17.78 7.04
CA SER A 492 29.13 16.40 7.29
C SER A 492 28.92 15.87 8.68
N SER B 6 -32.36 -11.39 40.15
CA SER B 6 -31.59 -10.23 39.47
C SER B 6 -30.77 -10.49 38.10
N GLU B 7 -31.21 -9.91 36.96
CA GLU B 7 -30.64 -10.22 35.57
C GLU B 7 -29.89 -9.16 34.73
N ILE B 8 -28.94 -9.60 33.89
CA ILE B 8 -28.24 -8.69 32.91
C ILE B 8 -28.53 -9.03 31.45
N THR B 9 -29.03 -8.06 30.72
CA THR B 9 -29.58 -8.32 29.36
C THR B 9 -28.77 -7.75 28.15
N TYR B 10 -29.45 -7.57 27.03
CA TYR B 10 -28.84 -7.17 25.77
C TYR B 10 -29.79 -6.10 25.31
N SER B 11 -29.46 -5.41 24.21
CA SER B 11 -30.29 -4.26 23.76
C SER B 11 -31.77 -4.72 23.69
N ASP B 12 -32.01 -5.94 23.15
CA ASP B 12 -33.33 -6.65 23.11
C ASP B 12 -33.98 -7.23 24.45
N GLY B 13 -33.20 -7.53 25.50
CA GLY B 13 -33.60 -8.45 26.63
C GLY B 13 -32.90 -9.67 26.11
N THR B 14 -32.76 -10.72 26.88
CA THR B 14 -31.91 -11.88 26.43
C THR B 14 -30.80 -11.81 27.46
N VAL B 15 -30.77 -12.87 28.23
CA VAL B 15 -30.20 -12.75 29.52
C VAL B 15 -28.72 -13.04 29.26
N ILE B 16 -27.82 -12.07 29.57
CA ILE B 16 -26.39 -12.42 29.56
C ILE B 16 -26.02 -13.26 30.79
N ALA B 17 -26.53 -12.85 31.96
CA ALA B 17 -26.33 -13.59 33.23
C ALA B 17 -27.27 -13.13 34.34
N SER B 18 -27.08 -13.73 35.51
CA SER B 18 -27.96 -13.55 36.68
C SER B 18 -27.09 -13.28 37.87
N ILE B 19 -27.55 -12.39 38.78
CA ILE B 19 -26.81 -12.17 40.07
C ILE B 19 -27.46 -12.54 41.48
N GLU B 20 -26.91 -13.60 42.07
CA GLU B 20 -26.98 -13.78 43.53
C GLU B 20 -25.54 -13.54 44.11
N ASP B 40 -18.51 -13.37 29.97
CA ASP B 40 -17.06 -13.70 30.11
C ASP B 40 -16.45 -12.44 30.50
N TYR B 41 -15.78 -11.79 29.50
CA TYR B 41 -15.39 -10.36 29.53
C TYR B 41 -16.69 -9.54 29.61
N LEU B 42 -17.66 -10.03 28.81
CA LEU B 42 -19.00 -9.46 28.82
C LEU B 42 -19.68 -9.43 30.20
N TYR B 43 -19.64 -10.56 30.94
CA TYR B 43 -20.05 -10.55 32.37
C TYR B 43 -19.37 -9.58 33.39
N PHE B 44 -18.07 -9.53 33.56
CA PHE B 44 -17.54 -8.56 34.57
C PHE B 44 -17.65 -7.12 34.24
N THR B 45 -17.67 -6.81 32.94
CA THR B 45 -17.60 -5.43 32.43
C THR B 45 -18.98 -4.73 32.65
N THR B 46 -19.99 -5.49 32.20
CA THR B 46 -21.42 -5.25 32.38
C THR B 46 -21.80 -4.98 33.90
N LEU B 47 -21.39 -5.96 34.74
CA LEU B 47 -21.65 -5.97 36.15
C LEU B 47 -20.98 -4.79 36.78
N ALA B 48 -19.71 -4.57 36.42
CA ALA B 48 -18.93 -3.46 36.93
C ALA B 48 -19.70 -2.21 36.69
N GLU B 49 -20.07 -1.97 35.42
CA GLU B 49 -20.64 -0.62 35.09
C GLU B 49 -21.99 -0.46 35.81
N ALA B 50 -22.79 -1.54 35.85
CA ALA B 50 -24.10 -1.56 36.57
C ALA B 50 -23.98 -1.30 38.11
N GLN B 51 -23.20 -2.07 38.87
CA GLN B 51 -22.80 -1.67 40.25
C GLN B 51 -22.43 -0.20 40.37
N GLU B 52 -21.78 0.29 39.35
CA GLU B 52 -21.23 1.56 39.53
C GLU B 52 -22.29 2.65 39.41
N ARG B 53 -23.36 2.36 38.63
CA ARG B 53 -24.52 3.24 38.52
C ARG B 53 -25.24 3.10 39.84
N MET B 54 -25.44 1.87 40.36
CA MET B 54 -26.23 1.68 41.59
C MET B 54 -25.64 2.48 42.73
N TYR B 55 -24.32 2.39 42.84
CA TYR B 55 -23.49 3.22 43.73
C TYR B 55 -23.84 4.68 43.76
N ASP B 56 -23.89 5.36 42.59
CA ASP B 56 -24.21 6.81 42.57
C ASP B 56 -25.63 6.95 43.05
N TYR B 57 -26.49 6.11 42.48
CA TYR B 57 -27.88 6.10 42.79
C TYR B 57 -28.18 6.21 44.31
N LEU B 58 -27.74 5.16 45.04
CA LEU B 58 -27.89 5.08 46.48
C LEU B 58 -27.29 6.33 47.09
N ALA B 59 -26.05 6.69 46.76
CA ALA B 59 -25.38 7.82 47.39
C ALA B 59 -26.20 9.13 47.32
N GLN B 60 -26.91 9.32 46.21
CA GLN B 60 -27.82 10.44 46.09
C GLN B 60 -29.16 10.19 46.89
N ARG B 61 -29.79 8.99 46.89
CA ARG B 61 -30.75 8.68 48.04
C ARG B 61 -29.86 8.89 49.33
N ASP B 62 -30.30 8.66 50.56
CA ASP B 62 -29.36 8.95 51.72
C ASP B 62 -28.05 9.81 51.45
N ASN B 71 -14.34 4.12 54.24
CA ASN B 71 -13.91 5.34 53.62
C ASN B 71 -15.18 6.12 53.27
N GLU B 72 -16.37 5.51 53.40
CA GLU B 72 -17.64 6.01 52.77
C GLU B 72 -17.58 5.70 51.28
N ALA B 73 -16.38 5.63 50.71
CA ALA B 73 -16.28 5.13 49.34
C ALA B 73 -16.98 3.73 49.34
N THR B 74 -16.85 2.88 50.39
CA THR B 74 -17.59 1.57 50.44
C THR B 74 -19.12 1.56 50.86
N GLN B 75 -19.82 2.42 50.12
CA GLN B 75 -21.19 2.33 49.58
C GLN B 75 -21.07 1.56 48.25
N LYS B 76 -19.81 1.25 47.83
CA LYS B 76 -19.50 0.32 46.71
C LYS B 76 -19.97 -1.06 47.12
N PHE B 77 -19.80 -1.38 48.40
CA PHE B 77 -20.35 -2.59 48.98
C PHE B 77 -21.85 -2.62 48.79
N TYR B 78 -22.44 -1.46 48.55
CA TYR B 78 -23.89 -1.39 48.39
C TYR B 78 -24.51 -1.67 47.03
N ARG B 79 -23.79 -1.34 45.94
CA ARG B 79 -23.59 -2.29 44.85
C ARG B 79 -24.57 -3.46 44.76
N ASP B 80 -24.69 -4.16 45.88
CA ASP B 80 -25.32 -5.47 46.02
C ASP B 80 -26.88 -5.59 46.22
N LEU B 81 -27.57 -4.43 46.31
CA LEU B 81 -28.96 -4.43 45.91
C LEU B 81 -28.97 -5.38 44.68
N ALA B 82 -28.02 -5.22 43.71
CA ALA B 82 -27.90 -6.10 42.53
C ALA B 82 -28.05 -7.61 42.94
N ALA B 83 -27.25 -8.13 43.93
CA ALA B 83 -27.20 -9.61 44.37
C ALA B 83 -28.52 -10.22 44.92
N GLY B 89 -31.48 -9.18 46.21
CA GLY B 89 -31.42 -8.88 44.75
C GLY B 89 -32.59 -8.30 43.87
N GLY B 90 -32.92 -8.98 42.75
CA GLY B 90 -34.11 -8.59 41.94
C GLY B 90 -34.20 -7.30 41.09
N TYR B 91 -33.10 -6.89 40.42
CA TYR B 91 -33.09 -5.79 39.37
C TYR B 91 -33.00 -6.26 37.89
N LYS B 92 -33.52 -5.36 37.02
CA LYS B 92 -33.45 -5.47 35.54
C LYS B 92 -32.46 -4.46 34.83
N ILE B 93 -31.34 -5.08 34.38
CA ILE B 93 -30.26 -4.36 33.79
C ILE B 93 -30.19 -4.55 32.27
N THR B 94 -30.46 -3.45 31.56
CA THR B 94 -30.35 -3.39 30.11
C THR B 94 -29.03 -2.76 29.64
N THR B 95 -28.33 -3.55 28.82
CA THR B 95 -27.12 -3.09 28.23
C THR B 95 -27.46 -2.63 26.78
N THR B 96 -26.39 -2.25 26.09
CA THR B 96 -26.41 -1.64 24.77
C THR B 96 -25.74 -2.69 23.93
N ILE B 97 -25.27 -3.78 24.52
CA ILE B 97 -24.54 -4.79 23.76
C ILE B 97 -25.46 -5.51 22.76
N ASP B 98 -25.09 -5.59 21.49
CA ASP B 98 -25.92 -6.19 20.48
C ASP B 98 -25.32 -7.58 20.33
N GLN B 99 -26.17 -8.56 20.52
CA GLN B 99 -25.65 -9.85 20.86
C GLN B 99 -25.03 -10.54 19.67
N LYS B 100 -25.54 -10.14 18.53
CA LYS B 100 -25.38 -10.90 17.41
C LYS B 100 -24.04 -10.40 16.84
N ILE B 101 -23.62 -9.19 17.22
CA ILE B 101 -22.36 -8.61 16.76
C ILE B 101 -21.23 -8.83 17.79
N HIS B 102 -21.53 -8.59 19.09
CA HIS B 102 -20.57 -8.83 20.14
C HIS B 102 -20.04 -10.22 20.03
N SER B 103 -20.92 -11.14 19.73
CA SER B 103 -20.49 -12.47 19.26
C SER B 103 -19.66 -12.61 18.04
N ALA B 104 -20.08 -11.89 16.97
CA ALA B 104 -19.47 -11.99 15.66
C ALA B 104 -17.99 -11.60 15.92
N MET B 105 -17.81 -10.62 16.82
CA MET B 105 -16.53 -10.14 17.27
C MET B 105 -15.72 -11.14 18.13
N GLN B 106 -16.38 -11.88 19.01
CA GLN B 106 -15.66 -12.95 19.75
C GLN B 106 -15.12 -14.04 18.81
N SER B 107 -15.98 -14.43 17.85
CA SER B 107 -15.52 -15.36 16.82
C SER B 107 -14.35 -14.77 16.10
N ALA B 108 -14.48 -13.47 15.88
CA ALA B 108 -13.47 -12.78 15.11
C ALA B 108 -12.13 -12.86 15.77
N VAL B 109 -12.10 -12.45 17.06
CA VAL B 109 -10.82 -12.37 17.74
C VAL B 109 -10.32 -13.80 17.90
N ALA B 110 -11.25 -14.76 17.93
CA ALA B 110 -10.90 -16.15 18.19
C ALA B 110 -10.18 -16.72 16.95
N ASP B 111 -10.89 -16.64 15.81
CA ASP B 111 -10.35 -17.05 14.48
C ASP B 111 -9.26 -16.18 13.82
N TYR B 112 -9.20 -14.87 14.15
CA TYR B 112 -8.23 -14.14 13.42
C TYR B 112 -7.07 -13.64 14.20
N GLY B 113 -7.14 -13.81 15.53
CA GLY B 113 -6.14 -13.27 16.48
C GLY B 113 -4.74 -13.70 16.19
N TYR B 114 -4.57 -14.89 15.57
CA TYR B 114 -3.17 -15.25 15.29
C TYR B 114 -2.60 -14.29 14.28
N LEU B 115 -3.39 -13.68 13.38
CA LEU B 115 -2.87 -12.57 12.49
C LEU B 115 -1.92 -11.54 13.13
N LEU B 116 -1.95 -11.42 14.46
CA LEU B 116 -1.26 -10.39 15.23
C LEU B 116 -0.01 -10.93 15.74
N ASP B 117 0.03 -12.22 16.09
CA ASP B 117 1.24 -12.77 16.68
C ASP B 117 2.37 -12.58 15.67
N ASP B 118 3.40 -11.85 16.03
CA ASP B 118 4.40 -11.45 15.10
C ASP B 118 5.77 -11.98 15.48
N GLY B 119 5.93 -12.74 16.56
CA GLY B 119 7.28 -13.22 16.83
C GLY B 119 7.78 -12.61 18.11
N THR B 120 7.26 -11.47 18.55
CA THR B 120 7.51 -11.03 19.92
C THR B 120 6.66 -11.77 21.03
N GLY B 121 6.00 -12.85 20.64
CA GLY B 121 5.15 -13.46 21.63
C GLY B 121 3.70 -13.40 21.26
N ARG B 122 2.92 -13.62 22.31
CA ARG B 122 1.43 -13.49 22.32
C ARG B 122 1.01 -11.99 22.49
N VAL B 123 0.56 -11.46 21.33
CA VAL B 123 0.13 -10.07 21.30
C VAL B 123 -1.29 -9.92 21.77
N GLU B 124 -1.53 -9.09 22.77
CA GLU B 124 -2.84 -8.85 23.28
C GLU B 124 -3.49 -7.69 22.51
N VAL B 125 -4.77 -7.42 22.78
CA VAL B 125 -5.49 -6.55 21.92
C VAL B 125 -6.72 -6.08 22.66
N GLY B 126 -7.08 -4.86 22.34
CA GLY B 126 -8.42 -4.33 22.73
C GLY B 126 -9.20 -3.65 21.61
N ASN B 127 -10.51 -3.84 21.61
CA ASN B 127 -11.29 -3.28 20.53
C ASN B 127 -12.61 -2.86 21.12
N VAL B 128 -13.22 -1.74 20.68
CA VAL B 128 -14.55 -1.27 21.24
C VAL B 128 -15.35 -0.74 20.05
N LEU B 129 -16.59 -1.24 19.75
CA LEU B 129 -17.40 -0.73 18.61
C LEU B 129 -18.57 0.16 19.04
N MET B 130 -18.63 1.42 18.60
CA MET B 130 -19.53 2.38 19.31
C MET B 130 -20.34 3.07 18.28
N ASP B 131 -21.52 3.51 18.69
CA ASP B 131 -22.51 3.93 17.76
C ASP B 131 -22.35 5.44 17.77
N ASN B 132 -22.07 6.02 16.62
CA ASN B 132 -21.74 7.43 16.60
C ASN B 132 -22.83 8.37 17.04
N GLN B 133 -24.13 8.02 16.90
CA GLN B 133 -25.15 8.96 17.40
C GLN B 133 -25.63 8.79 18.84
N THR B 134 -25.29 7.71 19.51
CA THR B 134 -25.83 7.54 20.85
C THR B 134 -24.74 7.46 21.90
N GLY B 135 -23.55 7.06 21.54
CA GLY B 135 -22.55 6.77 22.55
C GLY B 135 -22.62 5.31 22.96
N ALA B 136 -23.71 4.63 22.63
CA ALA B 136 -23.82 3.20 22.96
C ALA B 136 -22.70 2.24 22.44
N ILE B 137 -22.18 1.37 23.31
CA ILE B 137 -21.20 0.40 22.92
C ILE B 137 -21.86 -0.82 22.35
N LEU B 138 -21.52 -1.23 21.14
CA LEU B 138 -22.25 -2.32 20.55
C LEU B 138 -21.66 -3.66 20.79
N GLY B 139 -20.35 -3.77 21.06
CA GLY B 139 -19.70 -5.09 21.11
C GLY B 139 -18.32 -4.64 21.33
N PHE B 140 -17.43 -5.54 21.70
CA PHE B 140 -16.02 -5.17 21.96
C PHE B 140 -15.07 -6.36 22.12
N VAL B 141 -13.77 -6.17 22.01
CA VAL B 141 -12.96 -7.33 22.36
C VAL B 141 -12.08 -7.12 23.56
N GLY B 142 -12.09 -8.05 24.48
CA GLY B 142 -11.50 -7.78 25.75
C GLY B 142 -10.04 -8.18 25.82
N GLY B 143 -9.62 -9.04 24.91
CA GLY B 143 -8.31 -9.67 24.98
C GLY B 143 -8.38 -10.80 23.98
N ARG B 144 -7.29 -11.54 23.81
CA ARG B 144 -7.21 -12.68 22.87
C ARG B 144 -8.06 -13.88 23.27
N ASN B 145 -8.36 -14.03 24.57
CA ASN B 145 -8.91 -15.26 25.19
C ASN B 145 -9.05 -15.15 26.74
N TYR B 146 -10.28 -14.96 27.25
CA TYR B 146 -10.53 -14.68 28.71
C TYR B 146 -9.85 -15.72 29.67
N GLN B 147 -10.46 -16.90 29.62
CA GLN B 147 -9.94 -18.18 30.10
C GLN B 147 -8.35 -18.11 30.22
N GLU B 148 -7.66 -18.09 29.09
CA GLU B 148 -6.20 -17.83 29.05
C GLU B 148 -5.67 -16.58 29.76
N ASN B 149 -6.27 -15.41 29.56
CA ASN B 149 -5.85 -14.16 30.27
C ASN B 149 -7.03 -13.25 30.67
N GLN B 150 -7.16 -12.87 31.95
CA GLN B 150 -8.29 -12.06 32.44
C GLN B 150 -8.25 -10.57 32.11
N ASN B 151 -7.16 -9.96 31.63
CA ASN B 151 -7.31 -8.51 31.73
C ASN B 151 -8.13 -7.94 30.63
N ASN B 152 -8.97 -7.00 31.07
CA ASN B 152 -9.75 -6.33 30.10
C ASN B 152 -9.00 -5.15 29.42
N HIS B 153 -8.36 -5.50 28.30
CA HIS B 153 -7.81 -4.61 27.27
C HIS B 153 -8.77 -3.58 26.56
N ALA B 154 -10.10 -3.64 26.82
CA ALA B 154 -11.05 -2.72 26.23
C ALA B 154 -11.45 -1.62 27.25
N PHE B 155 -11.59 -1.94 28.55
CA PHE B 155 -12.12 -0.91 29.55
C PHE B 155 -11.19 -0.47 30.61
N ASP B 156 -10.24 -1.38 30.91
CA ASP B 156 -9.25 -1.33 32.05
C ASP B 156 -7.80 -0.84 31.70
N THR B 157 -7.11 -1.60 30.81
CA THR B 157 -5.75 -1.30 30.44
C THR B 157 -5.51 0.11 29.81
N LYS B 158 -4.40 0.78 30.13
CA LYS B 158 -4.31 2.19 29.80
C LYS B 158 -2.95 2.37 29.41
N ARG B 159 -2.83 2.91 28.16
CA ARG B 159 -1.59 3.08 27.41
C ARG B 159 -1.71 4.37 26.62
N SER B 160 -0.58 5.02 26.34
CA SER B 160 -0.65 6.22 25.56
C SER B 160 -1.13 5.97 24.11
N PRO B 161 -1.99 6.86 23.54
CA PRO B 161 -2.45 6.86 22.09
C PRO B 161 -1.48 7.39 20.96
N ALA B 162 -0.24 7.80 21.32
CA ALA B 162 0.72 8.35 20.36
C ALA B 162 0.11 9.59 19.74
N SER B 163 0.29 9.26 18.37
CA SER B 163 -0.02 10.01 17.15
C SER B 163 -1.55 10.11 17.03
N THR B 164 -2.38 9.26 17.65
CA THR B 164 -3.82 9.32 17.39
C THR B 164 -4.32 10.42 18.25
N THR B 165 -3.43 11.02 19.03
CA THR B 165 -3.81 12.21 19.74
C THR B 165 -3.91 13.40 18.83
N LYS B 166 -3.02 13.48 17.84
CA LYS B 166 -2.82 14.68 17.03
C LYS B 166 -4.15 15.22 16.46
N PRO B 167 -5.06 14.38 15.92
CA PRO B 167 -6.28 15.06 15.50
C PRO B 167 -7.19 15.75 16.55
N LEU B 168 -7.18 15.30 17.80
CA LEU B 168 -8.14 15.94 18.72
C LEU B 168 -7.49 17.16 19.39
N LEU B 169 -6.35 16.87 20.00
CA LEU B 169 -5.56 17.82 20.75
C LEU B 169 -4.86 18.94 19.93
N ALA B 170 -4.49 18.74 18.67
CA ALA B 170 -3.72 19.78 18.03
C ALA B 170 -4.49 20.26 16.85
N TYR B 171 -4.53 19.43 15.82
CA TYR B 171 -5.07 19.93 14.59
C TYR B 171 -6.58 20.32 14.72
N GLY B 172 -7.35 19.42 15.28
CA GLY B 172 -8.76 19.71 15.39
C GLY B 172 -8.99 21.03 16.08
N ILE B 173 -8.27 21.26 17.18
CA ILE B 173 -8.54 22.39 18.03
C ILE B 173 -8.04 23.63 17.28
N ALA B 174 -6.85 23.59 16.71
CA ALA B 174 -6.41 24.71 15.90
C ALA B 174 -7.48 25.02 14.83
N ILE B 175 -7.97 24.05 14.09
CA ILE B 175 -8.82 24.42 13.02
C ILE B 175 -10.03 25.08 13.65
N ASP B 176 -10.59 24.45 14.68
CA ASP B 176 -11.73 24.96 15.41
C ASP B 176 -11.52 26.41 15.87
N GLN B 177 -10.31 26.89 16.08
CA GLN B 177 -10.15 28.19 16.68
C GLN B 177 -9.75 29.13 15.62
N GLY B 178 -10.06 28.66 14.43
CA GLY B 178 -9.71 29.25 13.17
C GLY B 178 -8.31 29.71 13.23
N LEU B 179 -7.38 28.93 13.75
CA LEU B 179 -5.94 29.23 13.63
C LEU B 179 -5.27 28.57 12.40
N MET B 180 -6.02 27.73 11.65
CA MET B 180 -5.50 27.02 10.41
C MET B 180 -6.65 26.36 9.66
N GLY B 181 -6.37 25.94 8.39
CA GLY B 181 -7.32 25.17 7.47
C GLY B 181 -6.69 24.04 6.64
N SER B 182 -7.50 23.29 5.85
CA SER B 182 -7.04 22.02 5.18
C SER B 182 -5.70 22.09 4.52
N GLU B 183 -5.45 23.18 3.81
CA GLU B 183 -4.19 23.31 3.09
C GLU B 183 -3.11 24.26 3.66
N THR B 184 -3.22 24.61 4.96
CA THR B 184 -2.14 25.24 5.70
C THR B 184 -0.77 24.48 5.74
N ILE B 185 0.35 25.20 5.91
CA ILE B 185 1.74 24.64 5.81
C ILE B 185 2.32 24.63 7.20
N LEU B 186 2.94 23.51 7.57
CA LEU B 186 3.54 23.46 8.89
C LEU B 186 5.01 23.20 8.64
N SER B 187 5.96 23.59 9.56
CA SER B 187 7.37 23.26 9.43
C SER B 187 7.53 21.83 9.85
N ASN B 188 8.15 21.03 9.01
CA ASN B 188 8.80 19.78 9.49
C ASN B 188 10.35 19.83 9.48
N TYR B 189 10.90 21.05 9.31
CA TYR B 189 12.36 21.25 9.44
C TYR B 189 12.70 20.95 10.85
N PRO B 190 13.94 20.34 11.03
CA PRO B 190 14.52 19.94 12.32
C PRO B 190 14.36 20.98 13.47
N THR B 191 14.39 20.48 14.69
CA THR B 191 14.11 21.37 15.78
C THR B 191 14.19 20.58 17.00
N ASN B 192 14.50 21.31 18.05
CA ASN B 192 14.77 20.67 19.33
C ASN B 192 13.77 20.82 20.41
N PHE B 193 13.81 19.89 21.34
CA PHE B 193 13.08 20.17 22.54
C PHE B 193 13.89 21.13 23.33
N ALA B 194 13.27 21.67 24.39
CA ALA B 194 13.82 22.79 25.15
C ALA B 194 15.13 22.39 25.84
N ASN B 195 15.33 21.08 26.02
CA ASN B 195 16.49 20.61 26.66
C ASN B 195 17.56 20.61 25.64
N GLY B 196 17.28 20.73 24.35
CA GLY B 196 18.39 20.42 23.39
C GLY B 196 18.32 19.26 22.42
N ASN B 197 17.92 18.11 22.90
CA ASN B 197 17.71 16.93 22.07
C ASN B 197 16.79 17.12 20.92
N PRO B 198 17.06 16.40 19.83
CA PRO B 198 16.14 16.60 18.69
C PRO B 198 14.79 15.92 18.90
N ILE B 199 13.84 16.53 18.23
CA ILE B 199 12.53 15.98 18.05
C ILE B 199 12.65 15.00 16.85
N MET B 200 12.31 13.70 17.05
CA MET B 200 12.57 12.60 16.05
C MET B 200 11.30 12.11 15.40
N TYR B 201 11.38 11.43 14.29
CA TYR B 201 10.23 10.74 13.69
C TYR B 201 10.77 9.39 13.19
N ALA B 202 10.54 8.30 13.97
CA ALA B 202 11.37 7.12 13.78
C ALA B 202 12.84 7.60 13.85
N ASN B 203 13.49 7.64 12.68
CA ASN B 203 14.89 8.08 12.60
C ASN B 203 15.20 9.34 11.88
N SER B 204 14.19 10.10 11.45
CA SER B 204 14.49 11.25 10.65
C SER B 204 14.49 12.52 11.50
N LYS B 205 15.57 13.30 11.36
CA LYS B 205 15.89 14.47 12.34
C LYS B 205 14.91 15.60 12.02
N GLY B 206 13.76 15.13 10.97
CA GLY B 206 12.79 15.97 10.23
C GLY B 206 13.30 16.27 8.71
N THR B 207 12.65 17.17 8.06
CA THR B 207 12.91 17.42 6.62
C THR B 207 12.05 18.66 6.15
N GLY B 208 12.42 19.95 6.22
CA GLY B 208 11.46 20.96 5.47
C GLY B 208 9.97 21.10 5.67
N MET B 209 9.38 22.38 5.13
CA MET B 209 7.88 22.55 5.20
C MET B 209 7.08 21.51 4.49
N MET B 210 5.65 21.60 4.67
CA MET B 210 4.68 20.60 4.12
C MET B 210 3.18 20.85 4.45
N THR B 211 2.22 20.22 3.71
CA THR B 211 0.82 20.55 4.06
C THR B 211 0.34 19.74 5.28
N LEU B 212 -0.83 20.12 5.80
CA LEU B 212 -1.42 19.48 6.95
C LEU B 212 -1.81 18.13 6.50
N GLY B 213 -2.13 17.94 5.20
CA GLY B 213 -2.32 16.59 4.64
C GLY B 213 -1.16 15.65 4.82
N GLU B 214 0.04 16.13 4.57
CA GLU B 214 1.18 15.24 4.54
C GLU B 214 1.55 14.99 5.94
N ALA B 215 1.54 16.08 6.71
CA ALA B 215 1.68 16.01 8.15
C ALA B 215 0.93 14.79 8.78
N LEU B 216 -0.33 14.63 8.33
CA LEU B 216 -1.23 13.64 8.88
C LEU B 216 -0.91 12.24 8.31
N ASN B 217 -1.04 12.14 7.01
CA ASN B 217 -0.85 10.92 6.34
C ASN B 217 0.50 10.31 6.70
N TYR B 218 1.57 11.12 6.91
CA TYR B 218 2.84 10.50 7.37
C TYR B 218 2.91 10.37 8.93
N SER B 219 2.11 11.21 9.59
CA SER B 219 2.21 11.40 11.00
C SER B 219 3.52 12.03 11.35
N TRP B 220 3.88 13.13 10.74
CA TRP B 220 5.13 13.74 11.21
C TRP B 220 4.89 14.32 12.55
N ASN B 221 5.87 14.29 13.46
CA ASN B 221 5.72 14.91 14.81
C ASN B 221 6.00 16.47 14.94
N ILE B 222 7.06 16.95 14.26
CA ILE B 222 7.42 18.38 14.33
C ILE B 222 6.26 19.32 14.03
N PRO B 223 5.52 19.03 12.99
CA PRO B 223 4.23 19.74 12.84
C PRO B 223 3.26 19.72 14.07
N ALA B 224 2.89 18.56 14.59
CA ALA B 224 2.12 18.54 15.84
C ALA B 224 2.81 19.26 17.05
N TYR B 225 4.13 19.37 17.02
CA TYR B 225 4.77 20.04 18.14
C TYR B 225 4.51 21.52 18.12
N TRP B 226 4.83 22.16 16.99
CA TRP B 226 4.52 23.55 16.68
C TRP B 226 3.04 23.86 16.92
N THR B 227 2.15 22.98 16.44
CA THR B 227 0.69 23.29 16.49
C THR B 227 0.29 23.50 17.96
N TYR B 228 0.68 22.58 18.84
CA TYR B 228 0.36 22.72 20.24
C TYR B 228 1.06 23.94 20.84
N ARG B 229 2.26 24.24 20.35
CA ARG B 229 2.95 25.38 20.95
C ARG B 229 2.17 26.62 20.53
N MET B 230 1.69 26.65 19.31
CA MET B 230 0.89 27.78 18.90
C MET B 230 -0.37 27.94 19.78
N LEU B 231 -1.05 26.83 20.02
CA LEU B 231 -2.27 26.84 20.75
C LEU B 231 -1.92 27.43 22.12
N ARG B 232 -0.71 27.19 22.55
CA ARG B 232 -0.38 27.65 23.87
C ARG B 232 -0.06 29.19 23.82
N GLU B 233 0.74 29.64 22.86
CA GLU B 233 0.93 31.04 22.71
C GLU B 233 -0.36 31.72 22.51
N ASN B 234 -1.29 31.23 21.71
CA ASN B 234 -2.59 31.89 21.77
C ASN B 234 -3.44 31.69 23.08
N GLY B 235 -2.90 31.14 24.18
CA GLY B 235 -3.73 30.88 25.40
C GLY B 235 -5.08 30.17 25.13
N VAL B 236 -5.16 29.27 24.17
CA VAL B 236 -6.36 28.53 23.96
C VAL B 236 -6.57 27.50 25.04
N ASP B 237 -7.86 27.26 25.34
CA ASP B 237 -8.27 26.38 26.43
C ASP B 237 -8.29 24.83 26.10
N VAL B 238 -7.08 24.26 25.99
CA VAL B 238 -7.01 22.93 25.41
C VAL B 238 -7.67 21.94 26.35
N LYS B 239 -7.49 22.17 27.67
CA LYS B 239 -8.10 21.28 28.70
C LYS B 239 -9.63 21.15 28.51
N GLY B 240 -10.31 22.28 28.26
CA GLY B 240 -11.76 22.25 28.24
C GLY B 240 -12.31 21.38 27.12
N TYR B 241 -11.61 21.37 25.95
CA TYR B 241 -12.02 20.55 24.84
C TYR B 241 -11.77 19.10 25.33
N MET B 242 -10.56 18.78 25.82
CA MET B 242 -10.30 17.37 26.09
C MET B 242 -11.29 16.90 27.14
N GLU B 243 -11.60 17.84 28.02
CA GLU B 243 -12.34 17.50 29.17
C GLU B 243 -13.80 17.19 28.80
N LYS B 244 -14.41 17.96 27.87
CA LYS B 244 -15.81 17.75 27.40
C LYS B 244 -16.12 16.36 26.83
N MET B 245 -15.04 15.59 26.51
CA MET B 245 -15.00 14.27 25.86
C MET B 245 -14.53 13.20 26.86
N GLY B 246 -14.19 13.66 28.08
CA GLY B 246 -13.97 12.77 29.21
C GLY B 246 -12.57 12.33 29.48
N TYR B 247 -11.64 13.07 28.88
CA TYR B 247 -10.23 12.79 28.94
C TYR B 247 -9.62 13.38 30.23
N GLU B 248 -8.95 12.52 31.00
CA GLU B 248 -8.27 13.11 32.13
C GLU B 248 -6.76 13.11 31.85
N ILE B 249 -6.16 14.30 31.67
CA ILE B 249 -4.72 14.32 31.51
C ILE B 249 -4.15 15.03 32.68
N PRO B 250 -3.17 14.46 33.37
CA PRO B 250 -3.01 15.29 34.51
C PRO B 250 -2.11 16.57 34.35
N GLU B 251 -1.23 16.64 33.35
CA GLU B 251 -0.35 17.82 33.19
C GLU B 251 -0.41 18.30 31.73
N TYR B 252 -0.85 19.52 31.42
CA TYR B 252 -0.85 19.98 29.99
C TYR B 252 0.47 20.60 29.54
N GLY B 253 1.40 20.78 30.47
CA GLY B 253 2.61 21.52 30.23
C GLY B 253 3.67 20.57 29.80
N ILE B 254 3.41 19.79 28.74
CA ILE B 254 4.44 18.87 28.23
C ILE B 254 4.77 19.21 26.73
N GLU B 255 6.03 19.24 26.31
CA GLU B 255 6.20 19.64 24.95
C GLU B 255 5.72 18.52 23.99
N SER B 256 5.63 17.27 24.41
CA SER B 256 5.25 16.17 23.50
C SER B 256 3.80 15.75 23.70
N LEU B 257 3.01 16.62 24.30
CA LEU B 257 1.60 16.22 24.47
C LEU B 257 0.92 15.82 23.09
N PRO B 258 1.06 16.62 22.02
CA PRO B 258 0.19 16.20 20.98
C PRO B 258 0.72 14.94 20.28
N MET B 259 1.93 14.52 20.58
CA MET B 259 2.33 13.25 20.08
C MET B 259 1.89 12.09 20.99
N GLY B 260 1.18 12.35 22.06
CA GLY B 260 0.71 11.22 22.81
C GLY B 260 1.47 11.15 24.12
N GLY B 261 2.51 11.96 24.25
CA GLY B 261 3.36 11.95 25.47
C GLY B 261 2.56 12.50 26.60
N GLY B 262 2.49 11.71 27.66
CA GLY B 262 1.95 12.20 28.87
C GLY B 262 0.47 11.99 29.03
N ILE B 263 -0.10 11.31 28.04
CA ILE B 263 -1.45 10.77 28.03
C ILE B 263 -1.41 9.20 28.07
N GLU B 264 -2.37 8.63 28.77
CA GLU B 264 -2.62 7.18 28.79
C GLU B 264 -4.15 6.96 28.79
N VAL B 265 -4.72 6.09 27.94
CA VAL B 265 -6.15 5.98 27.92
C VAL B 265 -6.60 4.59 27.66
N THR B 266 -7.89 4.35 27.91
CA THR B 266 -8.48 3.05 27.55
C THR B 266 -9.02 3.14 26.13
N VAL B 267 -9.12 1.98 25.47
CA VAL B 267 -9.79 1.87 24.15
C VAL B 267 -11.24 2.36 24.18
N ALA B 268 -11.93 2.10 25.28
CA ALA B 268 -13.29 2.62 25.40
C ALA B 268 -13.29 4.10 25.53
N GLN B 269 -12.40 4.72 26.33
CA GLN B 269 -12.44 6.22 26.40
C GLN B 269 -12.06 6.82 25.05
N HIS B 270 -11.05 6.19 24.39
CA HIS B 270 -10.48 6.87 23.22
C HIS B 270 -11.35 6.68 22.05
N THR B 271 -12.09 5.58 22.00
CA THR B 271 -13.07 5.50 20.97
C THR B 271 -14.04 6.66 21.06
N ASN B 272 -14.41 7.07 22.29
CA ASN B 272 -15.44 8.16 22.54
C ASN B 272 -14.97 9.38 21.78
N GLY B 273 -13.63 9.59 21.76
CA GLY B 273 -12.96 10.76 21.23
C GLY B 273 -13.17 10.82 19.72
N TYR B 274 -13.04 9.67 19.06
CA TYR B 274 -13.20 9.64 17.68
C TYR B 274 -14.75 9.63 17.29
N GLN B 275 -15.59 8.92 18.09
CA GLN B 275 -17.01 9.20 18.09
C GLN B 275 -17.23 10.74 17.89
N THR B 276 -16.47 11.58 18.60
CA THR B 276 -16.82 12.96 18.55
C THR B 276 -16.60 13.58 17.13
N LEU B 277 -15.45 13.32 16.52
CA LEU B 277 -15.22 13.86 15.19
C LEU B 277 -16.18 13.27 14.16
N ALA B 278 -16.56 12.01 14.22
CA ALA B 278 -17.52 11.45 13.24
C ALA B 278 -18.88 12.06 13.39
N ASN B 279 -19.26 12.30 14.62
CA ASN B 279 -20.61 12.68 14.86
C ASN B 279 -20.76 14.19 14.77
N ASN B 280 -20.13 14.68 13.72
CA ASN B 280 -20.05 16.11 13.47
C ASN B 280 -19.72 17.09 14.56
N GLY B 281 -18.91 16.61 15.51
CA GLY B 281 -18.34 17.49 16.49
C GLY B 281 -19.12 17.36 17.77
N VAL B 282 -20.02 16.39 17.77
CA VAL B 282 -20.96 16.27 18.89
C VAL B 282 -20.72 15.04 19.70
N TYR B 283 -20.40 15.22 20.98
CA TYR B 283 -20.06 14.10 21.82
C TYR B 283 -21.30 13.57 22.54
N HIS B 284 -21.51 12.27 22.48
CA HIS B 284 -22.44 11.56 23.36
C HIS B 284 -21.57 10.67 24.26
N GLN B 285 -21.90 10.62 25.58
CA GLN B 285 -20.95 10.02 26.54
C GLN B 285 -21.04 8.56 26.38
N LYS B 286 -19.91 7.84 26.52
CA LYS B 286 -19.93 6.38 26.28
C LYS B 286 -20.75 5.63 27.29
N HIS B 287 -21.22 4.44 26.97
CA HIS B 287 -21.97 3.65 27.94
C HIS B 287 -22.33 2.24 27.44
N VAL B 288 -22.27 1.33 28.39
CA VAL B 288 -22.48 -0.08 28.13
C VAL B 288 -23.86 -0.53 28.76
N ILE B 289 -24.34 0.32 29.71
CA ILE B 289 -25.64 0.23 30.38
C ILE B 289 -26.63 1.39 30.01
N SER B 290 -27.83 0.98 29.60
CA SER B 290 -28.95 1.94 29.31
C SER B 290 -30.09 2.00 30.37
N LYS B 291 -30.34 0.88 31.06
CA LYS B 291 -31.32 0.99 32.15
C LYS B 291 -31.18 0.02 33.25
N ILE B 292 -31.39 0.50 34.46
CA ILE B 292 -31.73 -0.38 35.58
C ILE B 292 -33.19 -0.15 36.20
N GLU B 293 -34.14 -1.09 36.02
CA GLU B 293 -35.43 -1.11 36.85
C GLU B 293 -35.40 -2.22 37.95
N ALA B 294 -35.98 -1.84 39.13
CA ALA B 294 -36.30 -2.70 40.29
C ALA B 294 -37.55 -3.54 40.03
N ALA B 295 -37.67 -4.65 40.77
CA ALA B 295 -38.88 -5.51 40.71
C ALA B 295 -40.29 -4.73 40.90
N ASP B 296 -40.49 -3.86 41.92
CA ASP B 296 -41.70 -2.89 41.90
C ASP B 296 -41.86 -2.28 40.51
N GLY B 297 -41.11 -1.20 40.23
CA GLY B 297 -40.96 -0.69 38.87
C GLY B 297 -40.30 0.67 38.99
N ARG B 298 -39.61 0.94 40.10
CA ARG B 298 -38.70 2.10 40.16
C ARG B 298 -37.54 1.88 39.13
N VAL B 299 -37.40 2.88 38.23
CA VAL B 299 -36.33 2.98 37.27
C VAL B 299 -35.19 3.68 38.02
N VAL B 300 -34.25 2.92 38.56
CA VAL B 300 -33.22 3.48 39.42
C VAL B 300 -32.12 4.20 38.60
N TYR B 301 -31.96 3.79 37.34
CA TYR B 301 -31.06 4.47 36.33
C TYR B 301 -31.61 4.28 34.89
N GLU B 302 -31.73 5.41 34.19
CA GLU B 302 -31.82 5.35 32.75
C GLU B 302 -30.80 6.22 32.09
N TYR B 303 -30.29 5.80 30.93
CA TYR B 303 -29.36 6.65 30.21
C TYR B 303 -30.05 7.89 29.73
N GLN B 304 -29.50 9.05 30.06
CA GLN B 304 -30.03 10.30 29.51
C GLN B 304 -29.15 10.96 28.43
N ASP B 305 -29.65 10.93 27.20
CA ASP B 305 -29.00 11.61 26.08
C ASP B 305 -28.46 12.99 26.47
N LYS B 306 -27.20 13.26 26.10
CA LYS B 306 -26.61 14.51 26.58
C LYS B 306 -25.64 15.33 25.64
N PRO B 307 -26.07 15.71 24.49
CA PRO B 307 -25.04 16.06 23.53
C PRO B 307 -24.25 17.29 23.86
N VAL B 308 -22.96 17.24 23.63
CA VAL B 308 -22.14 18.42 23.85
C VAL B 308 -21.50 18.73 22.49
N GLN B 309 -21.63 19.97 22.05
CA GLN B 309 -20.95 20.40 20.86
C GLN B 309 -19.44 20.62 21.23
N VAL B 310 -18.57 19.60 21.16
CA VAL B 310 -17.13 19.87 21.39
C VAL B 310 -16.42 20.66 20.26
N TYR B 311 -16.74 20.38 18.98
CA TYR B 311 -16.11 21.10 17.79
C TYR B 311 -17.21 21.81 16.93
N SER B 312 -16.92 22.88 16.21
CA SER B 312 -17.92 23.21 15.14
C SER B 312 -18.07 22.08 14.12
N LYS B 313 -19.30 21.88 13.71
CA LYS B 313 -19.59 21.13 12.50
C LYS B 313 -18.52 21.37 11.39
N ALA B 314 -18.04 22.61 11.29
CA ALA B 314 -17.06 22.93 10.28
C ALA B 314 -15.73 22.28 10.67
N THR B 315 -15.37 22.38 11.92
CA THR B 315 -14.13 21.85 12.31
C THR B 315 -14.22 20.37 12.13
N ALA B 316 -15.23 19.77 12.68
CA ALA B 316 -15.36 18.33 12.59
C ALA B 316 -15.37 17.80 11.20
N THR B 317 -16.15 18.38 10.30
CA THR B 317 -16.35 17.68 8.99
C THR B 317 -15.12 17.92 8.19
N ILE B 318 -14.33 18.96 8.53
CA ILE B 318 -13.14 19.27 7.76
C ILE B 318 -12.14 18.17 8.02
N MET B 319 -11.83 18.06 9.30
CA MET B 319 -11.10 16.91 9.89
C MET B 319 -11.53 15.53 9.32
N GLN B 320 -12.80 15.32 8.99
CA GLN B 320 -13.15 13.98 8.56
C GLN B 320 -12.62 13.76 7.10
N GLY B 321 -12.47 14.90 6.40
CA GLY B 321 -11.98 14.82 5.08
C GLY B 321 -10.48 14.60 5.10
N LEU B 322 -9.77 15.11 6.13
CA LEU B 322 -8.31 14.82 6.11
C LEU B 322 -8.18 13.39 6.55
N LEU B 323 -9.02 12.98 7.48
CA LEU B 323 -8.85 11.62 7.97
C LEU B 323 -9.11 10.54 6.90
N ARG B 324 -9.85 10.94 5.87
CA ARG B 324 -10.23 10.01 4.80
C ARG B 324 -8.97 9.67 3.98
N GLU B 325 -8.18 10.70 3.71
CA GLU B 325 -6.96 10.53 2.92
C GLU B 325 -5.90 9.85 3.79
N VAL B 326 -6.04 9.88 5.11
CA VAL B 326 -5.05 9.16 5.93
C VAL B 326 -5.17 7.73 5.56
N LEU B 327 -6.37 7.14 5.52
CA LEU B 327 -6.46 5.70 5.16
C LEU B 327 -6.27 5.40 3.69
N SER B 328 -6.88 6.23 2.83
CA SER B 328 -6.60 6.26 1.34
C SER B 328 -5.15 6.24 1.12
N SER B 329 -4.36 7.17 1.66
CA SER B 329 -2.90 7.07 1.42
C SER B 329 -2.20 5.85 1.80
N ARG B 330 -2.70 5.02 2.67
CA ARG B 330 -1.98 3.83 3.09
C ARG B 330 -0.52 4.09 3.45
N VAL B 331 -0.19 5.34 3.88
CA VAL B 331 1.22 5.57 4.23
C VAL B 331 1.46 4.92 5.59
N THR B 332 0.51 5.06 6.51
CA THR B 332 0.79 4.42 7.77
C THR B 332 -0.13 3.32 8.16
N THR B 333 -0.97 2.78 7.27
CA THR B 333 -1.63 1.48 7.55
C THR B 333 -2.17 0.86 6.23
N THR B 334 -2.32 -0.47 6.17
CA THR B 334 -2.69 -1.09 4.88
C THR B 334 -4.17 -1.44 4.93
N PHE B 335 -4.80 -0.84 5.90
CA PHE B 335 -6.16 -1.21 6.11
C PHE B 335 -7.07 -1.22 4.82
N LYS B 336 -7.05 -0.16 3.99
CA LYS B 336 -8.05 -0.08 2.91
C LYS B 336 -7.62 -1.04 1.88
N SER B 337 -6.33 -1.44 1.84
CA SER B 337 -5.97 -2.55 0.96
C SER B 337 -6.54 -3.85 1.43
N ASN B 338 -6.38 -4.05 2.73
CA ASN B 338 -6.82 -5.31 3.34
C ASN B 338 -8.30 -5.53 3.26
N LEU B 339 -9.06 -4.56 3.80
CA LEU B 339 -10.53 -4.59 3.65
C LEU B 339 -10.96 -4.72 2.17
N THR B 340 -10.26 -4.03 1.25
CA THR B 340 -10.61 -4.22 -0.11
C THR B 340 -10.61 -5.70 -0.43
N SER B 341 -9.52 -6.39 -0.10
CA SER B 341 -9.46 -7.75 -0.54
C SER B 341 -10.38 -8.64 0.25
N LEU B 342 -10.94 -8.22 1.38
CA LEU B 342 -11.90 -9.19 1.98
C LEU B 342 -13.32 -8.91 1.59
N ASN B 343 -13.56 -7.70 1.11
CA ASN B 343 -14.90 -7.21 0.94
C ASN B 343 -14.87 -5.81 0.28
N PRO B 344 -14.93 -5.84 -1.05
CA PRO B 344 -14.67 -4.71 -1.92
C PRO B 344 -15.80 -3.71 -1.75
N THR B 345 -16.97 -4.22 -1.52
CA THR B 345 -18.07 -3.31 -1.25
C THR B 345 -17.95 -2.51 0.03
N LEU B 346 -17.64 -3.24 1.09
CA LEU B 346 -17.60 -2.61 2.36
C LEU B 346 -16.36 -1.67 2.41
N ALA B 347 -15.30 -2.00 1.66
CA ALA B 347 -14.16 -1.13 1.49
C ALA B 347 -14.68 0.15 0.90
N ASN B 348 -15.85 0.12 0.26
CA ASN B 348 -16.34 1.40 -0.27
C ASN B 348 -17.21 2.22 0.57
N ALA B 349 -17.52 1.83 1.81
CA ALA B 349 -18.16 2.79 2.68
C ALA B 349 -17.22 3.95 2.92
N ASP B 350 -17.75 5.02 3.44
CA ASP B 350 -16.86 6.10 3.54
C ASP B 350 -16.03 5.99 4.87
N TRP B 351 -14.88 5.24 4.88
CA TRP B 351 -13.97 5.11 6.03
C TRP B 351 -13.05 6.28 6.23
N ILE B 352 -12.81 6.65 7.49
CA ILE B 352 -11.64 7.51 7.78
C ILE B 352 -10.97 6.97 9.10
N GLY B 353 -9.72 7.35 9.42
CA GLY B 353 -8.91 6.69 10.46
C GLY B 353 -7.65 7.46 10.82
N LYS B 354 -7.03 7.21 11.99
CA LYS B 354 -5.59 7.62 12.23
C LYS B 354 -4.82 6.49 12.87
N THR B 355 -3.51 6.40 12.64
CA THR B 355 -2.80 5.39 13.45
C THR B 355 -2.02 6.02 14.60
N GLY B 356 -1.64 5.22 15.59
CA GLY B 356 -0.55 5.63 16.48
C GLY B 356 0.57 4.56 16.63
N THR B 357 1.83 4.93 16.83
CA THR B 357 2.84 3.89 17.29
C THR B 357 3.55 4.52 18.47
N THR B 358 3.85 3.82 19.56
CA THR B 358 4.55 4.49 20.69
C THR B 358 6.02 4.17 20.57
N ASN B 359 6.88 5.03 21.11
CA ASN B 359 8.29 4.68 21.28
C ASN B 359 8.59 3.18 21.32
N GLN B 360 9.45 2.76 20.43
CA GLN B 360 9.99 1.41 20.65
C GLN B 360 9.02 0.32 20.43
N ASP B 361 7.96 0.62 19.67
CA ASP B 361 7.10 -0.37 19.03
C ASP B 361 6.24 -1.12 20.02
N GLU B 362 6.03 -0.52 21.18
CA GLU B 362 5.39 -1.15 22.24
C GLU B 362 3.88 -1.05 22.19
N ASN B 363 3.28 -0.07 21.54
CA ASN B 363 1.79 -0.06 21.35
C ASN B 363 1.50 0.46 19.92
N MET B 364 0.47 -0.08 19.22
CA MET B 364 0.03 0.36 17.92
C MET B 364 -1.36 0.59 18.19
N TRP B 365 -1.89 1.59 17.52
CA TRP B 365 -3.28 1.93 17.66
C TRP B 365 -3.81 2.30 16.33
N LEU B 366 -5.01 1.81 16.01
CA LEU B 366 -5.71 2.18 14.80
C LEU B 366 -7.16 2.59 15.11
N MET B 367 -7.52 3.88 14.92
CA MET B 367 -8.97 4.30 15.06
C MET B 367 -9.74 4.46 13.72
N LEU B 368 -10.91 3.81 13.59
CA LEU B 368 -11.71 3.79 12.39
C LEU B 368 -13.12 4.29 12.55
N SER B 369 -13.61 5.07 11.64
CA SER B 369 -14.98 5.43 11.69
C SER B 369 -15.63 5.30 10.35
N THR B 370 -16.94 4.98 10.32
CA THR B 370 -17.79 5.47 9.22
C THR B 370 -18.86 6.41 9.83
N PRO B 371 -19.62 7.18 9.04
CA PRO B 371 -20.62 7.97 9.80
C PRO B 371 -21.51 7.25 10.86
N ARG B 372 -22.09 6.09 10.61
CA ARG B 372 -22.79 5.35 11.66
C ARG B 372 -21.94 4.98 12.90
N LEU B 373 -20.70 4.44 12.74
CA LEU B 373 -19.87 3.76 13.83
C LEU B 373 -18.35 4.09 13.98
N THR B 374 -17.82 3.94 15.17
CA THR B 374 -16.37 3.99 15.35
C THR B 374 -15.88 2.68 15.96
N LEU B 375 -14.68 2.30 15.62
CA LEU B 375 -14.20 1.03 16.13
C LEU B 375 -12.80 1.35 16.48
N GLY B 376 -12.43 1.18 17.75
CA GLY B 376 -11.12 1.56 18.21
C GLY B 376 -10.30 0.31 18.37
N GLY B 377 -9.01 0.38 18.04
CA GLY B 377 -8.16 -0.80 18.23
C GLY B 377 -6.83 -0.50 18.86
N TRP B 378 -6.43 -1.30 19.86
CA TRP B 378 -5.08 -1.16 20.45
C TRP B 378 -4.39 -2.52 20.34
N ILE B 379 -3.07 -2.57 20.17
CA ILE B 379 -2.41 -3.87 20.34
C ILE B 379 -1.18 -3.67 21.17
N GLY B 380 -0.96 -4.53 22.18
CA GLY B 380 0.40 -4.62 22.80
C GLY B 380 0.67 -5.90 23.58
N HIS B 381 1.70 -5.89 24.43
CA HIS B 381 1.88 -6.89 25.46
C HIS B 381 1.68 -6.36 26.86
N ASP B 382 1.34 -7.22 27.82
CA ASP B 382 1.05 -6.60 29.15
C ASP B 382 2.33 -6.23 29.80
N ASP B 383 3.42 -6.97 29.59
CA ASP B 383 4.67 -6.55 30.19
C ASP B 383 5.26 -5.29 29.51
N ASN B 384 4.64 -4.72 28.46
CA ASN B 384 5.33 -3.66 27.66
C ASN B 384 6.48 -4.00 26.69
N HIS B 385 6.95 -5.25 26.56
CA HIS B 385 7.97 -5.39 25.55
C HIS B 385 7.50 -5.06 24.16
N SER B 386 8.47 -4.85 23.27
CA SER B 386 8.21 -4.23 21.99
C SER B 386 7.58 -5.26 21.09
N LEU B 387 6.67 -4.81 20.19
CA LEU B 387 6.15 -5.63 19.05
C LEU B 387 7.10 -5.51 17.83
N SER B 388 6.83 -6.21 16.70
CA SER B 388 7.62 -5.99 15.51
C SER B 388 7.28 -4.63 14.89
N GLN B 389 8.22 -4.09 14.11
CA GLN B 389 8.10 -2.86 13.34
C GLN B 389 6.79 -2.71 12.54
N GLN B 390 6.45 -3.69 11.73
CA GLN B 390 5.30 -3.61 10.91
C GLN B 390 4.05 -4.13 11.68
N ALA B 391 4.05 -4.17 12.99
CA ALA B 391 2.87 -4.73 13.70
C ALA B 391 1.61 -3.86 13.62
N GLY B 392 1.86 -2.53 13.65
CA GLY B 392 0.77 -1.57 13.52
C GLY B 392 0.42 -1.44 12.09
N TYR B 393 1.43 -1.45 11.26
CA TYR B 393 1.22 -0.97 9.92
C TYR B 393 0.61 -2.13 9.19
N SER B 394 1.16 -3.30 9.38
CA SER B 394 0.58 -4.43 8.70
C SER B 394 -0.39 -5.34 9.57
N ASN B 395 0.22 -6.03 10.52
CA ASN B 395 -0.43 -6.90 11.42
C ASN B 395 -1.77 -6.42 11.91
N ASN B 396 -1.81 -5.30 12.63
CA ASN B 396 -3.08 -4.82 13.20
C ASN B 396 -4.10 -4.42 12.14
N SER B 397 -3.61 -3.79 11.11
CA SER B 397 -4.49 -3.34 10.11
C SER B 397 -5.27 -4.52 9.51
N ASN B 398 -4.52 -5.55 9.15
CA ASN B 398 -5.12 -6.71 8.60
C ASN B 398 -6.12 -7.31 9.61
N TYR B 399 -5.66 -7.69 10.81
CA TYR B 399 -6.58 -8.14 11.87
C TYR B 399 -7.89 -7.30 11.91
N MET B 400 -7.75 -5.98 11.85
CA MET B 400 -8.92 -5.20 12.09
C MET B 400 -9.85 -5.15 10.89
N ALA B 401 -9.30 -5.37 9.66
CA ALA B 401 -10.15 -5.51 8.50
C ALA B 401 -10.96 -6.77 8.65
N HIS B 402 -10.41 -7.84 9.24
CA HIS B 402 -11.21 -9.03 9.39
C HIS B 402 -12.29 -8.77 10.39
N LEU B 403 -11.96 -8.00 11.42
CA LEU B 403 -12.92 -7.69 12.49
C LEU B 403 -14.04 -6.86 11.86
N VAL B 404 -13.61 -5.86 11.13
CA VAL B 404 -14.57 -5.04 10.38
C VAL B 404 -15.43 -5.99 9.49
N ASN B 405 -14.77 -6.88 8.81
CA ASN B 405 -15.56 -7.70 7.94
C ASN B 405 -16.59 -8.61 8.66
N ALA B 406 -16.19 -9.27 9.73
CA ALA B 406 -17.08 -10.08 10.54
C ALA B 406 -18.22 -9.23 11.07
N ILE B 407 -17.93 -8.01 11.58
CA ILE B 407 -19.01 -7.16 12.13
C ILE B 407 -20.07 -7.10 11.03
N GLN B 408 -19.76 -6.49 9.86
CA GLN B 408 -20.68 -6.54 8.67
C GLN B 408 -21.44 -7.84 8.36
N GLN B 409 -20.72 -8.96 8.36
CA GLN B 409 -21.24 -10.29 8.01
C GLN B 409 -22.44 -10.60 8.84
N ALA B 410 -22.34 -10.22 10.10
CA ALA B 410 -23.36 -10.42 11.05
C ALA B 410 -24.49 -9.35 11.08
N SER B 411 -24.33 -8.18 10.49
CA SER B 411 -25.37 -7.18 10.60
C SER B 411 -25.15 -6.38 9.32
N PRO B 412 -25.64 -6.92 8.19
CA PRO B 412 -25.06 -6.32 6.96
C PRO B 412 -25.21 -4.76 6.78
N SER B 413 -26.01 -4.13 7.56
CA SER B 413 -26.31 -2.76 7.22
C SER B 413 -25.68 -1.82 8.21
N ILE B 414 -25.00 -2.42 9.20
CA ILE B 414 -24.78 -1.71 10.47
C ILE B 414 -23.80 -0.61 10.31
N TRP B 415 -22.94 -0.74 9.30
CA TRP B 415 -21.88 0.21 9.06
C TRP B 415 -22.36 1.47 8.30
N GLY B 416 -23.48 1.31 7.56
CA GLY B 416 -24.06 2.48 6.84
C GLY B 416 -23.46 2.72 5.45
N ASN B 417 -24.26 3.32 4.62
CA ASN B 417 -23.77 3.66 3.33
C ASN B 417 -23.69 5.14 3.22
N GLU B 418 -23.89 5.87 4.31
CA GLU B 418 -23.93 7.33 4.32
C GLU B 418 -22.58 7.88 4.02
N ARG B 419 -22.43 9.17 3.82
CA ARG B 419 -21.06 9.76 3.56
C ARG B 419 -20.78 11.00 4.36
N PHE B 420 -19.51 11.26 4.60
CA PHE B 420 -19.17 12.36 5.48
C PHE B 420 -19.13 13.47 4.53
N ALA B 421 -19.51 14.64 4.99
CA ALA B 421 -19.54 15.79 4.04
C ALA B 421 -19.15 17.14 4.68
N LEU B 422 -18.54 18.05 3.91
CA LEU B 422 -18.30 19.43 4.46
C LEU B 422 -19.60 20.09 4.97
N ASP B 423 -19.61 20.70 6.14
CA ASP B 423 -20.74 21.58 6.48
C ASP B 423 -20.98 22.69 5.43
N PRO B 424 -22.29 23.05 5.29
CA PRO B 424 -22.64 24.22 4.57
C PRO B 424 -21.93 25.38 5.20
N SER B 425 -21.61 25.35 6.49
CA SER B 425 -20.86 26.49 7.07
C SER B 425 -19.36 26.53 6.81
N VAL B 426 -18.85 25.59 6.05
CA VAL B 426 -17.39 25.53 5.93
C VAL B 426 -17.08 26.68 5.00
N VAL B 427 -16.01 27.40 5.22
CA VAL B 427 -15.67 28.53 4.38
C VAL B 427 -14.53 28.14 3.46
N LYS B 428 -14.63 28.28 2.11
CA LYS B 428 -13.57 27.73 1.13
C LYS B 428 -12.59 28.85 0.76
N SER B 429 -11.30 28.90 1.07
CA SER B 429 -10.51 30.05 0.61
C SER B 429 -9.65 29.53 -0.53
N GLU B 430 -9.45 30.35 -1.59
CA GLU B 430 -8.69 29.83 -2.74
C GLU B 430 -7.27 30.23 -2.51
N VAL B 431 -6.31 29.32 -2.47
CA VAL B 431 -4.98 29.66 -1.86
C VAL B 431 -3.69 29.04 -2.48
N LEU B 432 -2.50 29.40 -2.04
CA LEU B 432 -1.35 29.00 -2.87
C LEU B 432 -0.82 27.70 -2.33
N LYS B 433 -0.62 26.67 -3.16
CA LYS B 433 -0.06 25.45 -2.61
C LYS B 433 1.25 25.72 -1.91
N SER B 434 1.95 26.80 -2.17
CA SER B 434 3.24 26.77 -1.46
C SER B 434 3.13 27.34 -0.06
N THR B 435 2.08 28.14 0.18
CA THR B 435 2.00 28.94 1.41
C THR B 435 0.76 28.67 2.20
N GLY B 436 -0.15 27.97 1.55
CA GLY B 436 -1.52 27.87 2.02
C GLY B 436 -2.23 29.16 2.37
N GLN B 437 -1.60 30.31 2.12
CA GLN B 437 -2.35 31.60 2.16
C GLN B 437 -2.68 32.17 0.79
N LYS B 438 -3.51 33.21 0.82
CA LYS B 438 -4.03 33.83 -0.39
C LYS B 438 -2.85 34.51 -1.03
N PRO B 439 -2.80 34.53 -2.38
CA PRO B 439 -1.62 35.10 -3.00
C PRO B 439 -1.66 36.65 -2.89
N GLY B 440 -0.54 37.27 -3.23
CA GLY B 440 -0.33 38.66 -2.95
C GLY B 440 1.16 38.89 -2.76
N LYS B 441 1.48 40.11 -2.32
CA LYS B 441 2.85 40.63 -2.22
C LYS B 441 3.49 40.40 -0.85
N VAL B 442 4.77 40.04 -0.77
CA VAL B 442 5.46 39.77 0.55
C VAL B 442 6.81 40.51 0.75
N SER B 443 7.28 40.78 1.97
CA SER B 443 8.64 41.42 2.10
C SER B 443 9.78 40.44 2.28
N VAL B 444 10.15 39.74 1.22
CA VAL B 444 11.37 38.90 1.22
C VAL B 444 12.62 39.74 1.47
N GLU B 445 12.71 40.09 2.77
CA GLU B 445 13.72 40.99 3.40
C GLU B 445 14.02 42.24 2.49
N GLY B 446 13.09 43.24 2.48
CA GLY B 446 13.07 44.39 1.52
C GLY B 446 13.32 43.93 0.08
N LYS B 447 12.44 44.27 -0.85
CA LYS B 447 12.46 43.67 -2.21
C LYS B 447 11.20 42.88 -2.19
N GLU B 448 10.13 43.63 -1.90
CA GLU B 448 8.80 43.09 -1.77
C GLU B 448 8.34 42.42 -3.11
N VAL B 449 7.87 41.17 -2.99
CA VAL B 449 7.72 40.22 -4.10
C VAL B 449 6.27 40.04 -4.40
N GLU B 450 5.98 39.67 -5.65
CA GLU B 450 4.61 39.29 -6.05
C GLU B 450 4.44 37.72 -6.14
N VAL B 451 4.02 37.10 -5.03
CA VAL B 451 3.83 35.65 -4.97
C VAL B 451 2.53 35.22 -5.68
N THR B 452 2.65 34.59 -6.84
CA THR B 452 1.65 33.72 -7.46
C THR B 452 2.08 32.27 -7.46
N GLY B 453 1.36 31.40 -8.14
CA GLY B 453 1.86 30.03 -8.29
C GLY B 453 0.56 29.29 -8.45
N SER B 454 0.56 27.96 -8.49
CA SER B 454 -0.77 27.35 -8.60
C SER B 454 -1.45 27.47 -7.27
N THR B 455 -2.75 27.18 -7.29
CA THR B 455 -3.57 27.33 -6.11
C THR B 455 -4.48 26.14 -5.86
N VAL B 456 -4.95 26.06 -4.62
CA VAL B 456 -5.64 24.92 -4.10
C VAL B 456 -6.74 25.45 -3.21
N THR B 457 -7.91 24.85 -3.28
CA THR B 457 -9.03 25.22 -2.42
C THR B 457 -8.79 24.62 -1.03
N SER B 458 -8.90 25.46 -0.01
CA SER B 458 -8.62 25.03 1.31
C SER B 458 -9.75 25.44 2.26
N TYR B 459 -10.26 24.52 3.10
CA TYR B 459 -11.40 24.83 3.98
C TYR B 459 -11.03 25.31 5.36
N TRP B 460 -11.91 26.12 5.95
CA TRP B 460 -11.73 26.78 7.27
C TRP B 460 -13.04 26.78 8.11
N ALA B 461 -12.92 26.81 9.44
CA ALA B 461 -14.15 26.86 10.25
C ALA B 461 -14.13 28.17 11.00
N ASN B 462 -13.62 29.19 10.34
CA ASN B 462 -13.83 30.56 10.77
C ASN B 462 -14.82 31.33 9.81
N LYS B 463 -15.26 32.51 10.26
CA LYS B 463 -16.00 33.51 9.46
C LYS B 463 -15.24 33.93 8.14
N SER B 464 -13.99 34.39 8.24
CA SER B 464 -13.22 34.99 7.09
C SER B 464 -12.69 33.93 6.15
N GLY B 465 -11.67 33.16 6.49
CA GLY B 465 -11.21 32.16 5.58
C GLY B 465 -9.76 32.35 5.84
N ALA B 466 -8.93 31.97 4.87
CA ALA B 466 -7.48 32.11 4.98
C ALA B 466 -6.99 33.56 5.05
N PRO B 467 -5.87 33.83 5.75
CA PRO B 467 -5.19 35.17 5.59
C PRO B 467 -4.58 35.45 4.16
N ALA B 468 -4.10 36.66 3.88
CA ALA B 468 -3.13 36.78 2.78
C ALA B 468 -1.69 36.37 3.21
N THR B 469 -0.99 35.77 2.27
CA THR B 469 0.31 35.24 2.59
C THR B 469 1.13 36.25 3.34
N SER B 470 1.48 36.02 4.59
CA SER B 470 2.60 36.78 5.20
C SER B 470 3.96 36.08 5.14
N TYR B 471 4.94 36.70 5.75
CA TYR B 471 6.27 36.12 5.62
C TYR B 471 6.29 34.80 6.35
N ARG B 472 5.92 34.90 7.63
CA ARG B 472 5.74 33.75 8.50
C ARG B 472 4.44 32.97 8.23
N PHE B 473 4.37 32.35 7.05
CA PHE B 473 3.12 31.73 6.54
C PHE B 473 2.81 30.38 7.18
N ALA B 474 3.84 29.72 7.64
CA ALA B 474 3.64 28.43 8.24
C ALA B 474 3.50 28.44 9.74
N ILE B 475 2.69 27.54 10.28
CA ILE B 475 2.89 27.11 11.67
C ILE B 475 4.31 26.57 11.87
N GLY B 476 5.12 27.35 12.54
CA GLY B 476 6.42 26.82 12.93
C GLY B 476 7.52 27.35 12.07
N GLY B 477 8.74 26.87 12.24
CA GLY B 477 9.89 27.46 11.60
C GLY B 477 10.75 28.53 12.32
N SER B 478 12.07 28.34 12.14
CA SER B 478 13.14 29.27 12.56
C SER B 478 13.44 30.20 11.39
N ASP B 479 13.96 31.40 11.65
CA ASP B 479 14.39 32.31 10.55
C ASP B 479 15.24 31.55 9.59
N ALA B 480 16.19 30.79 10.11
CA ALA B 480 16.98 29.96 9.13
C ALA B 480 16.06 29.22 8.09
N ASP B 481 15.20 28.34 8.65
CA ASP B 481 14.16 27.63 7.94
C ASP B 481 13.39 28.56 7.00
N TYR B 482 12.89 29.67 7.54
CA TYR B 482 11.95 30.44 6.78
C TYR B 482 12.62 31.09 5.58
N GLN B 483 13.95 31.19 5.63
CA GLN B 483 14.57 31.82 4.53
C GLN B 483 14.78 30.78 3.40
N ASN B 484 15.42 29.69 3.78
CA ASN B 484 15.61 28.54 2.96
C ASN B 484 14.30 28.22 2.29
N ALA B 485 13.16 28.27 2.96
CA ALA B 485 11.93 27.95 2.18
C ALA B 485 11.51 29.04 1.19
N TRP B 486 11.62 30.30 1.61
CA TRP B 486 11.36 31.44 0.68
C TRP B 486 12.35 31.53 -0.49
N SER B 487 13.62 31.26 -0.21
CA SER B 487 14.60 31.22 -1.29
C SER B 487 13.92 30.47 -2.42
N SER B 488 13.42 29.33 -2.04
CA SER B 488 13.08 28.32 -3.00
C SER B 488 11.73 28.60 -3.66
N ILE B 489 10.85 29.28 -2.96
CA ILE B 489 9.61 29.78 -3.55
C ILE B 489 9.82 30.86 -4.63
N VAL B 490 10.58 31.90 -4.25
CA VAL B 490 11.27 32.85 -5.19
C VAL B 490 11.90 32.18 -6.51
N GLY B 491 12.53 30.99 -6.53
CA GLY B 491 12.67 30.34 -7.85
C GLY B 491 11.26 30.04 -8.37
N SER B 492 10.56 31.04 -8.98
CA SER B 492 9.22 30.96 -9.69
C SER B 492 8.64 32.27 -10.31
#